data_2Z55
#
_entry.id   2Z55
#
_cell.length_a   108.830
_cell.length_b   108.830
_cell.length_c   220.710
_cell.angle_alpha   90.00
_cell.angle_beta   90.00
_cell.angle_gamma   120.00
#
_symmetry.space_group_name_H-M   'P 63'
#
loop_
_entity.id
_entity.type
_entity.pdbx_description
1 polymer Archaerhodopsin-2
2 branched beta-D-galactopyranose-(1-6)-alpha-D-mannopyranose-(1-2)-alpha-D-glucopyranose
3 non-polymer RETINAL
4 non-polymer BACTERIORUBERIN
5 non-polymer 2,3-DI-PHYTANYL-GLYCEROL
6 water water
#
_entity_poly.entity_id   1
_entity_poly.type   'polypeptide(L)'
_entity_poly.pdbx_seq_one_letter_code
;QAGFDLLNDGRPETLWLGIGTLLMLIGTFYFIARGWGVTDKEAREYYAITILVPGIASAAYLAMFFGIGVTEVELASGTV
LDIYYARYADWLFTTPLLLLDLALLAKVDRVTIGTLIGVDALMIVTGLIGALSKTPLARYTWWLFSTIAFLFVLYYLLTS
LRSAAAKRSEEVRSTFNTLTALVAVLWTAYPILWIVGTEGAGVVGLGIETLAFMVLDVTAKVGFGFVLLRSRAILGETEA
PEPSAGADASAAD
;
_entity_poly.pdbx_strand_id   A,B,D,E
#
# COMPACT_ATOMS: atom_id res chain seq x y z
N GLN A 1 -43.95 1.18 14.69
CA GLN A 1 -42.73 0.51 14.16
C GLN A 1 -42.34 -0.66 15.07
N ALA A 2 -42.50 -1.88 14.58
CA ALA A 2 -42.17 -3.06 15.38
C ALA A 2 -41.79 -4.27 14.53
N GLY A 3 -42.74 -4.74 13.74
CA GLY A 3 -42.53 -5.91 12.90
C GLY A 3 -43.74 -6.81 12.98
N PHE A 4 -43.55 -8.07 13.33
CA PHE A 4 -44.68 -8.99 13.44
C PHE A 4 -44.60 -9.89 14.68
N ASP A 5 -45.73 -10.05 15.34
CA ASP A 5 -45.84 -10.86 16.55
C ASP A 5 -46.07 -12.32 16.13
N LEU A 6 -44.99 -12.97 15.71
CA LEU A 6 -44.99 -14.37 15.22
C LEU A 6 -45.27 -15.51 16.17
N LEU A 7 -45.37 -15.25 17.48
CA LEU A 7 -45.61 -16.32 18.43
C LEU A 7 -46.75 -16.01 19.40
N ASN A 8 -47.65 -15.11 19.02
CA ASN A 8 -48.80 -14.77 19.86
C ASN A 8 -48.39 -14.50 21.32
N ASP A 9 -47.22 -13.90 21.54
CA ASP A 9 -46.77 -13.62 22.91
C ASP A 9 -46.40 -12.16 23.14
N GLY A 10 -46.90 -11.27 22.29
CA GLY A 10 -46.62 -9.86 22.44
C GLY A 10 -45.20 -9.43 22.17
N ARG A 11 -44.53 -10.11 21.24
CA ARG A 11 -43.16 -9.78 20.89
C ARG A 11 -42.98 -9.68 19.39
N PRO A 12 -43.47 -8.59 18.78
CA PRO A 12 -43.37 -8.39 17.33
C PRO A 12 -41.94 -8.41 16.77
N GLU A 13 -40.95 -8.35 17.65
CA GLU A 13 -39.57 -8.35 17.18
C GLU A 13 -39.14 -9.75 16.78
N THR A 14 -39.97 -10.74 17.11
CA THR A 14 -39.64 -12.12 16.75
C THR A 14 -39.57 -12.28 15.23
N LEU A 15 -40.13 -11.31 14.52
CA LEU A 15 -40.12 -11.31 13.05
C LEU A 15 -38.67 -11.14 12.59
N TRP A 16 -37.97 -10.18 13.21
CA TRP A 16 -36.58 -9.92 12.90
C TRP A 16 -35.69 -11.04 13.44
N LEU A 17 -36.07 -11.60 14.59
CA LEU A 17 -35.29 -12.68 15.17
C LEU A 17 -35.39 -13.90 14.27
N GLY A 18 -36.61 -14.22 13.85
CA GLY A 18 -36.83 -15.34 12.97
C GLY A 18 -35.98 -15.18 11.72
N ILE A 19 -36.16 -14.07 11.03
CA ILE A 19 -35.38 -13.84 9.81
C ILE A 19 -33.90 -13.96 10.14
N GLY A 20 -33.52 -13.40 11.28
CA GLY A 20 -32.12 -13.47 11.69
C GLY A 20 -31.68 -14.93 11.83
N THR A 21 -32.53 -15.74 12.47
CA THR A 21 -32.25 -17.16 12.66
C THR A 21 -32.07 -17.83 11.30
N LEU A 22 -33.09 -17.69 10.46
CA LEU A 22 -33.07 -18.27 9.10
C LEU A 22 -31.81 -17.92 8.31
N LEU A 23 -31.41 -16.65 8.35
CA LEU A 23 -30.24 -16.18 7.62
C LEU A 23 -28.92 -16.73 8.13
N MET A 24 -28.82 -16.93 9.44
CA MET A 24 -27.60 -17.49 9.99
C MET A 24 -27.50 -18.96 9.62
N LEU A 25 -28.65 -19.63 9.55
CA LEU A 25 -28.67 -21.05 9.19
C LEU A 25 -28.21 -21.29 7.76
N ILE A 26 -28.81 -20.61 6.78
CA ILE A 26 -28.39 -20.82 5.41
C ILE A 26 -26.89 -20.47 5.24
N GLY A 27 -26.42 -19.47 5.99
CA GLY A 27 -25.03 -19.10 5.93
C GLY A 27 -24.16 -20.25 6.42
N THR A 28 -24.50 -20.77 7.58
CA THR A 28 -23.78 -21.88 8.19
C THR A 28 -23.65 -23.03 7.20
N PHE A 29 -24.73 -23.32 6.48
CA PHE A 29 -24.68 -24.41 5.51
C PHE A 29 -24.15 -24.01 4.15
N TYR A 30 -24.26 -22.72 3.83
CA TYR A 30 -23.69 -22.26 2.57
C TYR A 30 -22.19 -22.51 2.74
N PHE A 31 -21.62 -21.95 3.81
CA PHE A 31 -20.20 -22.12 4.09
C PHE A 31 -19.79 -23.60 4.18
N ILE A 32 -20.61 -24.40 4.84
CA ILE A 32 -20.31 -25.83 4.97
C ILE A 32 -20.32 -26.55 3.62
N ALA A 33 -21.34 -26.29 2.81
CA ALA A 33 -21.45 -26.90 1.49
C ALA A 33 -20.38 -26.32 0.57
N ARG A 34 -19.89 -25.13 0.90
CA ARG A 34 -18.88 -24.44 0.12
C ARG A 34 -17.45 -24.90 0.37
N GLY A 35 -17.15 -25.35 1.60
CA GLY A 35 -15.80 -25.81 1.89
C GLY A 35 -15.70 -27.32 2.05
N TRP A 36 -16.83 -28.01 1.95
CA TRP A 36 -16.86 -29.45 2.12
C TRP A 36 -15.74 -30.23 1.45
N GLY A 37 -15.32 -29.81 0.27
CA GLY A 37 -14.27 -30.53 -0.43
C GLY A 37 -12.96 -29.77 -0.56
N VAL A 38 -12.73 -28.79 0.32
CA VAL A 38 -11.50 -28.01 0.30
C VAL A 38 -10.33 -28.72 1.01
N THR A 39 -9.32 -29.08 0.22
CA THR A 39 -8.14 -29.77 0.74
C THR A 39 -7.09 -28.83 1.29
N ASP A 40 -7.09 -27.59 0.82
CA ASP A 40 -6.14 -26.58 1.30
C ASP A 40 -6.27 -26.52 2.81
N LYS A 41 -5.17 -26.80 3.50
CA LYS A 41 -5.16 -26.81 4.97
C LYS A 41 -5.32 -25.42 5.60
N GLU A 42 -4.86 -24.39 4.91
CA GLU A 42 -4.97 -23.02 5.39
C GLU A 42 -6.44 -22.57 5.34
N ALA A 43 -7.04 -22.72 4.17
CA ALA A 43 -8.43 -22.34 3.92
C ALA A 43 -9.45 -23.12 4.74
N ARG A 44 -9.28 -24.44 4.80
CA ARG A 44 -10.20 -25.30 5.56
C ARG A 44 -10.24 -24.83 7.00
N GLU A 45 -9.14 -24.22 7.43
CA GLU A 45 -9.01 -23.69 8.77
C GLU A 45 -9.86 -22.42 8.85
N TYR A 46 -9.72 -21.56 7.85
CA TYR A 46 -10.52 -20.34 7.84
C TYR A 46 -12.00 -20.74 7.78
N TYR A 47 -12.31 -21.72 6.93
CA TYR A 47 -13.68 -22.20 6.78
C TYR A 47 -14.28 -22.68 8.09
N ALA A 48 -13.56 -23.56 8.77
CA ALA A 48 -14.01 -24.11 10.04
C ALA A 48 -14.35 -23.00 11.03
N ILE A 49 -13.40 -22.09 11.24
CA ILE A 49 -13.61 -20.98 12.16
C ILE A 49 -14.82 -20.16 11.79
N THR A 50 -14.88 -19.75 10.51
CA THR A 50 -15.95 -18.91 9.99
C THR A 50 -17.33 -19.58 9.93
N ILE A 51 -17.36 -20.90 9.82
CA ILE A 51 -18.62 -21.62 9.78
C ILE A 51 -19.28 -21.66 11.16
N LEU A 52 -18.47 -21.76 12.20
CA LEU A 52 -18.98 -21.80 13.57
C LEU A 52 -19.65 -20.49 13.98
N VAL A 53 -19.19 -19.38 13.41
CA VAL A 53 -19.74 -18.07 13.75
C VAL A 53 -21.24 -18.00 13.46
N PRO A 54 -21.64 -18.13 12.20
CA PRO A 54 -23.10 -18.06 12.00
C PRO A 54 -23.75 -19.23 12.75
N GLY A 55 -22.96 -20.30 12.91
CA GLY A 55 -23.42 -21.47 13.60
C GLY A 55 -23.83 -21.17 15.02
N ILE A 56 -23.02 -20.44 15.78
CA ILE A 56 -23.40 -20.14 17.15
C ILE A 56 -24.42 -19.00 17.21
N ALA A 57 -24.35 -18.12 16.22
CA ALA A 57 -25.28 -16.99 16.15
C ALA A 57 -26.68 -17.55 15.96
N SER A 58 -26.77 -18.65 15.22
CA SER A 58 -28.04 -19.33 14.93
C SER A 58 -28.74 -19.81 16.19
N ALA A 59 -27.95 -20.35 17.14
CA ALA A 59 -28.48 -20.87 18.40
C ALA A 59 -29.00 -19.71 19.25
N ALA A 60 -28.22 -18.64 19.31
CA ALA A 60 -28.61 -17.45 20.06
C ALA A 60 -29.88 -16.86 19.45
N TYR A 61 -29.93 -16.73 18.12
CA TYR A 61 -31.11 -16.17 17.47
C TYR A 61 -32.33 -17.06 17.70
N LEU A 62 -32.17 -18.37 17.56
CA LEU A 62 -33.29 -19.27 17.77
C LEU A 62 -33.77 -19.12 19.22
N ALA A 63 -32.81 -19.04 20.15
CA ALA A 63 -33.09 -18.87 21.59
C ALA A 63 -33.92 -17.62 21.86
N MET A 64 -33.48 -16.51 21.27
CA MET A 64 -34.18 -15.24 21.42
C MET A 64 -35.52 -15.34 20.73
N PHE A 65 -35.52 -15.96 19.56
CA PHE A 65 -36.76 -16.14 18.82
C PHE A 65 -37.83 -16.72 19.74
N PHE A 66 -37.53 -17.88 20.34
CA PHE A 66 -38.49 -18.52 21.24
C PHE A 66 -38.81 -17.74 22.50
N GLY A 67 -37.94 -16.82 22.88
CA GLY A 67 -38.17 -16.02 24.07
C GLY A 67 -37.28 -16.45 25.21
N ILE A 68 -36.66 -17.60 25.05
CA ILE A 68 -35.77 -18.15 26.05
C ILE A 68 -34.54 -17.25 26.20
N GLY A 69 -34.12 -16.64 25.09
CA GLY A 69 -32.96 -15.78 25.10
C GLY A 69 -33.16 -14.38 25.63
N VAL A 70 -34.37 -14.08 26.10
CA VAL A 70 -34.68 -12.77 26.62
C VAL A 70 -35.09 -12.87 28.09
N THR A 71 -34.81 -11.82 28.84
CA THR A 71 -35.12 -11.78 30.27
C THR A 71 -35.61 -10.39 30.67
N GLU A 72 -36.49 -10.34 31.66
CA GLU A 72 -37.03 -9.06 32.13
C GLU A 72 -36.13 -8.48 33.22
N VAL A 73 -35.62 -7.27 32.99
CA VAL A 73 -34.77 -6.62 33.97
C VAL A 73 -35.48 -5.41 34.59
N GLU A 74 -35.84 -5.53 35.87
CA GLU A 74 -36.52 -4.44 36.56
C GLU A 74 -35.54 -3.34 36.94
N LEU A 75 -35.80 -2.14 36.45
CA LEU A 75 -34.93 -1.01 36.75
C LEU A 75 -35.18 -0.56 38.19
N ALA A 76 -34.39 0.41 38.65
CA ALA A 76 -34.51 0.93 40.00
C ALA A 76 -35.85 1.61 40.28
N SER A 77 -36.55 2.03 39.23
CA SER A 77 -37.85 2.67 39.41
C SER A 77 -39.00 1.71 39.19
N GLY A 78 -38.70 0.42 39.13
CA GLY A 78 -39.74 -0.57 38.91
C GLY A 78 -40.05 -0.72 37.44
N THR A 79 -39.39 0.10 36.61
CA THR A 79 -39.58 0.07 35.17
C THR A 79 -38.87 -1.16 34.59
N VAL A 80 -39.63 -2.02 33.91
CA VAL A 80 -39.09 -3.24 33.33
C VAL A 80 -38.57 -3.09 31.90
N LEU A 81 -37.50 -3.81 31.61
CA LEU A 81 -36.90 -3.79 30.29
C LEU A 81 -36.77 -5.24 29.82
N ASP A 82 -36.87 -5.45 28.51
CA ASP A 82 -36.72 -6.78 27.98
C ASP A 82 -35.31 -6.83 27.41
N ILE A 83 -34.40 -7.45 28.17
CA ILE A 83 -33.04 -7.56 27.75
C ILE A 83 -32.80 -8.90 27.05
N TYR A 84 -32.26 -8.82 25.85
CA TYR A 84 -31.95 -10.01 25.06
C TYR A 84 -30.52 -10.36 25.35
N TYR A 85 -30.31 -10.86 26.57
CA TYR A 85 -29.00 -11.23 27.07
C TYR A 85 -28.22 -12.21 26.18
N ALA A 86 -28.92 -13.17 25.58
CA ALA A 86 -28.32 -14.19 24.72
C ALA A 86 -27.31 -13.65 23.72
N ARG A 87 -27.48 -12.39 23.32
CA ARG A 87 -26.58 -11.78 22.36
C ARG A 87 -25.14 -11.88 22.84
N TYR A 88 -24.94 -11.69 24.14
CA TYR A 88 -23.61 -11.75 24.74
C TYR A 88 -23.06 -13.15 24.77
N ALA A 89 -23.91 -14.14 25.02
CA ALA A 89 -23.44 -15.52 24.99
C ALA A 89 -22.92 -15.71 23.58
N ASP A 90 -23.67 -15.17 22.63
CA ASP A 90 -23.33 -15.24 21.21
C ASP A 90 -21.95 -14.64 21.00
N TRP A 91 -21.86 -13.35 21.27
CA TRP A 91 -20.65 -12.57 21.10
C TRP A 91 -19.42 -13.07 21.84
N LEU A 92 -19.62 -13.75 22.97
CA LEU A 92 -18.47 -14.26 23.71
C LEU A 92 -17.62 -15.24 22.91
N PHE A 93 -18.22 -15.88 21.92
CA PHE A 93 -17.47 -16.85 21.12
C PHE A 93 -17.31 -16.41 19.68
N THR A 94 -18.28 -15.66 19.20
CA THR A 94 -18.27 -15.19 17.82
C THR A 94 -17.24 -14.12 17.54
N THR A 95 -17.25 -13.04 18.31
CA THR A 95 -16.28 -11.97 18.08
C THR A 95 -14.82 -12.47 18.18
N PRO A 96 -14.52 -13.35 19.15
CA PRO A 96 -13.14 -13.84 19.26
C PRO A 96 -12.73 -14.63 18.03
N LEU A 97 -13.65 -15.43 17.52
CA LEU A 97 -13.35 -16.22 16.34
C LEU A 97 -13.16 -15.30 15.13
N LEU A 98 -13.99 -14.25 15.07
CA LEU A 98 -13.87 -13.31 13.97
C LEU A 98 -12.47 -12.73 14.03
N LEU A 99 -12.04 -12.33 15.23
CA LEU A 99 -10.69 -11.79 15.42
C LEU A 99 -9.68 -12.84 14.98
N LEU A 100 -9.90 -14.07 15.45
CA LEU A 100 -9.01 -15.17 15.10
C LEU A 100 -8.77 -15.14 13.59
N ASP A 101 -9.86 -15.18 12.82
CA ASP A 101 -9.74 -15.15 11.36
C ASP A 101 -8.82 -14.00 10.88
N LEU A 102 -9.00 -12.81 11.44
CA LEU A 102 -8.15 -11.67 11.06
C LEU A 102 -6.70 -11.89 11.48
N ALA A 103 -6.51 -12.55 12.62
CA ALA A 103 -5.17 -12.82 13.12
C ALA A 103 -4.44 -13.87 12.27
N LEU A 104 -5.17 -14.86 11.75
CA LEU A 104 -4.55 -15.88 10.91
C LEU A 104 -4.09 -15.27 9.59
N LEU A 105 -5.00 -14.53 8.95
CA LEU A 105 -4.73 -13.86 7.68
C LEU A 105 -3.54 -12.91 7.82
N ALA A 106 -3.38 -12.31 8.99
CA ALA A 106 -2.28 -11.38 9.22
C ALA A 106 -0.99 -12.06 9.68
N LYS A 107 -1.11 -13.29 10.17
CA LYS A 107 0.05 -14.05 10.65
C LYS A 107 0.66 -13.35 11.86
N VAL A 108 -0.11 -13.21 12.93
CA VAL A 108 0.37 -12.56 14.14
C VAL A 108 0.73 -13.64 15.16
N ASP A 109 1.62 -13.29 16.09
CA ASP A 109 2.05 -14.21 17.12
C ASP A 109 0.94 -14.50 18.11
N ARG A 110 1.08 -15.61 18.84
CA ARG A 110 0.09 -16.05 19.82
C ARG A 110 -0.19 -15.08 20.96
N VAL A 111 0.75 -14.17 21.24
CA VAL A 111 0.56 -13.18 22.30
C VAL A 111 -0.47 -12.14 21.86
N THR A 112 -0.34 -11.67 20.63
CA THR A 112 -1.25 -10.68 20.12
C THR A 112 -2.67 -11.25 20.14
N ILE A 113 -2.84 -12.45 19.60
CA ILE A 113 -4.13 -13.12 19.55
C ILE A 113 -4.72 -13.26 20.97
N GLY A 114 -3.89 -13.70 21.91
CA GLY A 114 -4.33 -13.86 23.29
C GLY A 114 -4.80 -12.54 23.86
N THR A 115 -4.05 -11.48 23.56
CA THR A 115 -4.45 -10.17 24.05
C THR A 115 -5.81 -9.86 23.45
N LEU A 116 -5.95 -10.10 22.15
CA LEU A 116 -7.19 -9.87 21.42
C LEU A 116 -8.43 -10.54 22.02
N ILE A 117 -8.38 -11.86 22.20
CA ILE A 117 -9.51 -12.57 22.78
C ILE A 117 -9.84 -12.07 24.19
N GLY A 118 -8.82 -11.96 25.03
CA GLY A 118 -8.99 -11.50 26.39
C GLY A 118 -9.66 -10.16 26.55
N VAL A 119 -9.16 -9.16 25.83
CA VAL A 119 -9.74 -7.82 25.91
C VAL A 119 -11.16 -7.80 25.32
N ASP A 120 -11.34 -8.50 24.20
CA ASP A 120 -12.65 -8.57 23.53
C ASP A 120 -13.74 -9.22 24.40
N ALA A 121 -13.38 -10.32 25.06
CA ALA A 121 -14.30 -11.04 25.95
C ALA A 121 -14.62 -10.20 27.18
N LEU A 122 -13.64 -9.43 27.63
CA LEU A 122 -13.81 -8.55 28.78
C LEU A 122 -14.89 -7.56 28.37
N MET A 123 -14.79 -7.10 27.12
CA MET A 123 -15.75 -6.19 26.53
C MET A 123 -17.17 -6.77 26.53
N ILE A 124 -17.31 -8.02 26.07
CA ILE A 124 -18.64 -8.61 26.03
C ILE A 124 -19.26 -8.81 27.41
N VAL A 125 -18.52 -9.43 28.33
CA VAL A 125 -19.04 -9.65 29.67
C VAL A 125 -19.48 -8.36 30.31
N THR A 126 -18.57 -7.37 30.35
CA THR A 126 -18.91 -6.07 30.95
C THR A 126 -20.12 -5.47 30.26
N GLY A 127 -20.26 -5.73 28.96
CA GLY A 127 -21.41 -5.22 28.23
C GLY A 127 -22.67 -5.90 28.72
N LEU A 128 -22.56 -7.18 29.07
CA LEU A 128 -23.67 -7.96 29.59
C LEU A 128 -24.06 -7.53 31.01
N ILE A 129 -23.05 -7.17 31.81
CA ILE A 129 -23.33 -6.72 33.17
C ILE A 129 -24.09 -5.42 33.06
N GLY A 130 -23.68 -4.60 32.11
CA GLY A 130 -24.37 -3.33 31.90
C GLY A 130 -25.82 -3.58 31.54
N ALA A 131 -26.06 -4.59 30.72
CA ALA A 131 -27.41 -4.93 30.26
C ALA A 131 -28.32 -5.34 31.40
N LEU A 132 -27.77 -6.08 32.35
CA LEU A 132 -28.54 -6.54 33.50
C LEU A 132 -28.51 -5.54 34.67
N SER A 133 -27.80 -4.42 34.50
CA SER A 133 -27.73 -3.41 35.56
C SER A 133 -29.11 -2.82 35.85
N LYS A 134 -29.38 -2.54 37.12
CA LYS A 134 -30.66 -2.00 37.53
C LYS A 134 -30.64 -0.47 37.63
N THR A 135 -29.48 0.09 37.95
CA THR A 135 -29.34 1.53 38.07
C THR A 135 -28.70 2.11 36.79
N PRO A 136 -29.09 3.34 36.40
CA PRO A 136 -28.53 3.98 35.21
C PRO A 136 -27.06 4.34 35.42
N LEU A 137 -26.72 4.70 36.65
CA LEU A 137 -25.35 5.03 36.98
C LEU A 137 -24.51 3.84 36.55
N ALA A 138 -24.89 2.66 37.03
CA ALA A 138 -24.19 1.43 36.69
C ALA A 138 -24.29 1.08 35.21
N ARG A 139 -25.48 1.20 34.64
CA ARG A 139 -25.63 0.86 33.22
C ARG A 139 -24.69 1.65 32.30
N TYR A 140 -24.40 2.90 32.66
CA TYR A 140 -23.52 3.71 31.83
C TYR A 140 -22.04 3.55 32.16
N THR A 141 -21.73 3.24 33.42
CA THR A 141 -20.34 3.01 33.80
C THR A 141 -19.84 1.79 33.01
N TRP A 142 -20.67 0.73 33.00
CA TRP A 142 -20.31 -0.50 32.30
C TRP A 142 -20.15 -0.25 30.82
N TRP A 143 -20.97 0.63 30.26
CA TRP A 143 -20.90 0.97 28.85
C TRP A 143 -19.53 1.55 28.52
N LEU A 144 -19.11 2.57 29.26
CA LEU A 144 -17.80 3.19 29.03
C LEU A 144 -16.70 2.14 29.24
N PHE A 145 -16.87 1.32 30.27
CA PHE A 145 -15.93 0.27 30.60
C PHE A 145 -15.79 -0.68 29.43
N SER A 146 -16.92 -1.22 28.95
CA SER A 146 -16.89 -2.14 27.82
C SER A 146 -16.31 -1.42 26.62
N THR A 147 -16.62 -0.12 26.51
CA THR A 147 -16.13 0.66 25.39
C THR A 147 -14.62 0.90 25.43
N ILE A 148 -14.06 1.09 26.62
CA ILE A 148 -12.61 1.30 26.73
C ILE A 148 -11.92 0.08 26.12
N ALA A 149 -12.40 -1.10 26.48
CA ALA A 149 -11.85 -2.36 26.00
C ALA A 149 -11.95 -2.45 24.48
N PHE A 150 -13.13 -2.18 23.93
CA PHE A 150 -13.34 -2.20 22.50
C PHE A 150 -12.32 -1.27 21.83
N LEU A 151 -12.06 -0.14 22.50
CA LEU A 151 -11.12 0.88 22.02
C LEU A 151 -9.74 0.25 21.87
N PHE A 152 -9.39 -0.60 22.83
CA PHE A 152 -8.12 -1.30 22.82
C PHE A 152 -8.14 -2.31 21.68
N VAL A 153 -9.27 -2.99 21.50
CA VAL A 153 -9.34 -3.98 20.42
C VAL A 153 -9.12 -3.30 19.06
N LEU A 154 -9.88 -2.25 18.79
CA LEU A 154 -9.72 -1.53 17.52
C LEU A 154 -8.28 -1.05 17.33
N TYR A 155 -7.67 -0.60 18.42
CA TYR A 155 -6.30 -0.09 18.37
C TYR A 155 -5.33 -1.14 17.84
N TYR A 156 -5.19 -2.24 18.57
CA TYR A 156 -4.27 -3.30 18.18
C TYR A 156 -4.64 -3.92 16.86
N LEU A 157 -5.90 -3.76 16.47
CA LEU A 157 -6.38 -4.28 15.20
C LEU A 157 -5.88 -3.35 14.09
N LEU A 158 -5.98 -2.05 14.31
CA LEU A 158 -5.56 -1.07 13.31
C LEU A 158 -4.07 -0.71 13.34
N THR A 159 -3.26 -1.46 14.07
CA THR A 159 -1.81 -1.20 14.11
C THR A 159 -1.01 -2.49 14.04
N SER A 160 -1.05 -3.28 15.11
CA SER A 160 -0.33 -4.56 15.15
C SER A 160 -0.74 -5.48 14.01
N LEU A 161 -2.03 -5.76 13.89
CA LEU A 161 -2.52 -6.63 12.82
C LEU A 161 -2.29 -6.05 11.44
N ARG A 162 -2.64 -4.78 11.24
CA ARG A 162 -2.48 -4.16 9.93
C ARG A 162 -1.03 -4.17 9.43
N SER A 163 -0.11 -3.68 10.24
CA SER A 163 1.30 -3.66 9.83
C SER A 163 1.84 -5.07 9.63
N ALA A 164 1.32 -6.02 10.40
CA ALA A 164 1.75 -7.40 10.28
C ALA A 164 1.22 -8.01 9.00
N ALA A 165 0.07 -7.50 8.54
CA ALA A 165 -0.56 -8.00 7.34
C ALA A 165 0.03 -7.36 6.10
N ALA A 166 0.81 -6.29 6.29
CA ALA A 166 1.42 -5.59 5.17
C ALA A 166 2.73 -6.24 4.73
N LYS A 167 3.18 -7.22 5.51
CA LYS A 167 4.41 -7.92 5.20
C LYS A 167 4.11 -9.08 4.26
N ARG A 168 2.83 -9.31 4.02
CA ARG A 168 2.40 -10.40 3.16
C ARG A 168 2.06 -9.94 1.75
N SER A 169 1.50 -10.83 0.94
CA SER A 169 1.13 -10.51 -0.44
C SER A 169 0.08 -9.42 -0.54
N GLU A 170 0.02 -8.77 -1.69
CA GLU A 170 -0.95 -7.72 -1.92
C GLU A 170 -2.35 -8.33 -1.89
N GLU A 171 -2.46 -9.55 -2.38
CA GLU A 171 -3.75 -10.25 -2.39
C GLU A 171 -4.21 -10.44 -0.94
N VAL A 172 -3.27 -10.79 -0.07
CA VAL A 172 -3.56 -11.01 1.34
C VAL A 172 -3.85 -9.69 2.05
N ARG A 173 -2.93 -8.74 1.94
CA ARG A 173 -3.12 -7.46 2.60
C ARG A 173 -4.43 -6.84 2.15
N SER A 174 -4.78 -7.02 0.89
CA SER A 174 -6.03 -6.49 0.35
C SER A 174 -7.23 -6.99 1.12
N THR A 175 -7.35 -8.32 1.19
CA THR A 175 -8.45 -8.96 1.88
C THR A 175 -8.48 -8.62 3.37
N PHE A 176 -7.31 -8.50 3.99
CA PHE A 176 -7.26 -8.17 5.40
C PHE A 176 -7.86 -6.81 5.66
N ASN A 177 -7.45 -5.83 4.85
CA ASN A 177 -7.93 -4.47 5.00
C ASN A 177 -9.39 -4.27 4.67
N THR A 178 -9.96 -5.16 3.85
CA THR A 178 -11.37 -5.06 3.49
C THR A 178 -12.29 -5.89 4.40
N LEU A 179 -11.76 -6.29 5.55
CA LEU A 179 -12.53 -7.03 6.54
C LEU A 179 -12.33 -6.21 7.80
N THR A 180 -11.13 -5.66 7.91
CA THR A 180 -10.79 -4.83 9.06
C THR A 180 -11.57 -3.51 8.98
N ALA A 181 -11.84 -3.05 7.77
CA ALA A 181 -12.61 -1.82 7.58
C ALA A 181 -14.04 -2.19 7.92
N LEU A 182 -14.50 -3.31 7.37
CA LEU A 182 -15.85 -3.82 7.63
C LEU A 182 -16.00 -3.97 9.13
N VAL A 183 -15.02 -4.62 9.76
CA VAL A 183 -15.04 -4.83 11.20
C VAL A 183 -15.13 -3.48 11.91
N ALA A 184 -14.12 -2.65 11.67
CA ALA A 184 -14.05 -1.33 12.29
C ALA A 184 -15.40 -0.60 12.35
N VAL A 185 -16.02 -0.36 11.19
CA VAL A 185 -17.28 0.35 11.18
C VAL A 185 -18.48 -0.47 11.67
N LEU A 186 -18.62 -1.70 11.20
CA LEU A 186 -19.73 -2.55 11.61
C LEU A 186 -19.74 -2.80 13.12
N TRP A 187 -18.58 -3.12 13.69
CA TRP A 187 -18.53 -3.40 15.11
C TRP A 187 -18.89 -2.16 15.92
N THR A 188 -18.35 -1.02 15.50
CA THR A 188 -18.59 0.26 16.16
C THR A 188 -20.07 0.62 16.28
N ALA A 189 -20.87 0.22 15.31
CA ALA A 189 -22.30 0.51 15.36
C ALA A 189 -22.94 -0.08 16.64
N TYR A 190 -22.40 -1.20 17.11
CA TYR A 190 -22.92 -1.90 18.28
C TYR A 190 -23.04 -1.07 19.57
N PRO A 191 -21.92 -0.50 20.07
CA PRO A 191 -22.04 0.30 21.31
C PRO A 191 -23.02 1.47 21.18
N ILE A 192 -23.04 2.10 19.99
CA ILE A 192 -23.94 3.22 19.68
C ILE A 192 -25.39 2.77 19.79
N LEU A 193 -25.73 1.71 19.08
CA LEU A 193 -27.10 1.18 19.11
C LEU A 193 -27.52 0.81 20.54
N TRP A 194 -26.54 0.43 21.36
CA TRP A 194 -26.81 0.05 22.75
C TRP A 194 -27.17 1.26 23.63
N ILE A 195 -26.29 2.26 23.63
CA ILE A 195 -26.53 3.45 24.45
C ILE A 195 -27.77 4.22 23.98
N VAL A 196 -28.14 4.06 22.71
CA VAL A 196 -29.34 4.71 22.18
C VAL A 196 -30.49 3.71 22.14
N GLY A 197 -30.18 2.43 22.40
CA GLY A 197 -31.19 1.39 22.39
C GLY A 197 -32.02 1.39 23.67
N THR A 198 -32.69 0.27 23.97
CA THR A 198 -33.51 0.19 25.16
C THR A 198 -32.66 -0.01 26.43
N GLU A 199 -31.41 -0.43 26.24
CA GLU A 199 -30.52 -0.67 27.37
C GLU A 199 -29.93 0.63 27.90
N GLY A 200 -29.99 1.67 27.08
CA GLY A 200 -29.46 2.97 27.46
C GLY A 200 -30.54 4.03 27.48
N ALA A 201 -30.30 5.14 26.79
CA ALA A 201 -31.24 6.26 26.74
C ALA A 201 -32.60 5.81 26.21
N GLY A 202 -32.60 5.23 25.01
CA GLY A 202 -33.84 4.74 24.45
C GLY A 202 -34.62 5.69 23.56
N VAL A 203 -34.03 6.05 22.42
CA VAL A 203 -34.70 6.91 21.45
C VAL A 203 -34.95 6.03 20.24
N VAL A 204 -34.73 4.73 20.43
CA VAL A 204 -34.90 3.73 19.39
C VAL A 204 -35.64 2.52 19.96
N GLY A 205 -36.81 2.24 19.42
CA GLY A 205 -37.60 1.12 19.89
C GLY A 205 -36.90 -0.23 19.77
N LEU A 206 -37.38 -1.21 20.53
CA LEU A 206 -36.80 -2.53 20.52
C LEU A 206 -36.97 -3.18 19.14
N GLY A 207 -37.99 -2.76 18.41
CA GLY A 207 -38.24 -3.29 17.09
C GLY A 207 -37.11 -2.89 16.15
N ILE A 208 -36.99 -1.60 15.91
CA ILE A 208 -35.95 -1.07 15.04
C ILE A 208 -34.61 -1.57 15.56
N GLU A 209 -34.44 -1.54 16.88
CA GLU A 209 -33.21 -2.00 17.52
C GLU A 209 -32.93 -3.45 17.16
N THR A 210 -33.95 -4.30 17.28
CA THR A 210 -33.82 -5.72 16.93
C THR A 210 -33.59 -5.90 15.43
N LEU A 211 -34.03 -4.92 14.65
CA LEU A 211 -33.87 -4.95 13.19
C LEU A 211 -32.42 -4.62 12.89
N ALA A 212 -31.93 -3.56 13.52
CA ALA A 212 -30.56 -3.11 13.34
C ALA A 212 -29.54 -4.20 13.68
N PHE A 213 -29.69 -4.80 14.86
CA PHE A 213 -28.78 -5.86 15.27
C PHE A 213 -28.79 -7.02 14.27
N MET A 214 -29.97 -7.34 13.73
CA MET A 214 -30.07 -8.43 12.75
C MET A 214 -29.27 -8.08 11.51
N VAL A 215 -29.44 -6.86 11.02
CA VAL A 215 -28.72 -6.40 9.84
C VAL A 215 -27.24 -6.40 10.16
N LEU A 216 -26.88 -5.74 11.27
CA LEU A 216 -25.48 -5.67 11.70
C LEU A 216 -24.88 -7.07 11.90
N ASP A 217 -25.57 -7.93 12.62
CA ASP A 217 -25.08 -9.28 12.85
C ASP A 217 -24.90 -10.09 11.59
N VAL A 218 -25.94 -10.15 10.74
CA VAL A 218 -25.84 -10.92 9.51
C VAL A 218 -24.68 -10.44 8.67
N THR A 219 -24.59 -9.12 8.49
CA THR A 219 -23.51 -8.56 7.70
C THR A 219 -22.14 -8.81 8.32
N ALA A 220 -22.06 -8.75 9.64
CA ALA A 220 -20.77 -8.98 10.29
C ALA A 220 -20.40 -10.47 10.27
N LYS A 221 -21.40 -11.34 10.28
CA LYS A 221 -21.19 -12.79 10.24
C LYS A 221 -21.07 -13.28 8.82
N VAL A 222 -22.24 -13.50 8.21
CA VAL A 222 -22.33 -13.98 6.85
C VAL A 222 -21.65 -13.09 5.80
N GLY A 223 -21.80 -11.78 5.92
CA GLY A 223 -21.16 -10.88 4.97
C GLY A 223 -19.63 -10.99 5.05
N PHE A 224 -19.15 -11.04 6.28
CA PHE A 224 -17.72 -11.17 6.55
C PHE A 224 -17.31 -12.52 5.95
N GLY A 225 -18.04 -13.56 6.32
CA GLY A 225 -17.75 -14.90 5.85
C GLY A 225 -17.65 -14.99 4.34
N PHE A 226 -18.73 -14.60 3.66
CA PHE A 226 -18.75 -14.64 2.20
C PHE A 226 -17.47 -14.04 1.63
N VAL A 227 -17.17 -12.81 2.03
CA VAL A 227 -15.97 -12.11 1.56
C VAL A 227 -14.67 -12.85 1.86
N LEU A 228 -14.56 -13.37 3.08
CA LEU A 228 -13.36 -14.08 3.53
C LEU A 228 -13.13 -15.43 2.87
N LEU A 229 -14.17 -16.25 2.81
CA LEU A 229 -14.06 -17.57 2.22
C LEU A 229 -14.07 -17.50 0.70
N ARG A 230 -14.22 -16.29 0.17
CA ARG A 230 -14.26 -16.09 -1.28
C ARG A 230 -12.91 -15.60 -1.82
N SER A 231 -12.06 -15.10 -0.95
CA SER A 231 -10.76 -14.57 -1.36
C SER A 231 -9.75 -15.66 -1.67
N ARG A 232 -8.70 -15.27 -2.39
CA ARG A 232 -7.63 -16.19 -2.76
C ARG A 232 -6.54 -16.21 -1.68
N ALA A 233 -6.50 -15.15 -0.87
CA ALA A 233 -5.52 -15.01 0.20
C ALA A 233 -5.57 -16.18 1.19
N ILE A 234 -6.74 -16.78 1.36
CA ILE A 234 -6.88 -17.91 2.28
C ILE A 234 -6.35 -19.21 1.66
N LEU A 235 -6.11 -19.18 0.35
CA LEU A 235 -5.62 -20.36 -0.36
C LEU A 235 -4.09 -20.42 -0.38
N GLY A 236 -3.51 -21.06 0.63
CA GLY A 236 -2.06 -21.21 0.68
C GLY A 236 -1.32 -20.04 1.31
N GLU A 237 0.02 -20.09 1.18
CA GLU A 237 0.90 -19.07 1.73
C GLU A 237 0.88 -19.03 3.25
N THR A 238 2.01 -19.37 3.86
CA THR A 238 2.14 -19.38 5.31
C THR A 238 3.35 -18.54 5.71
N GLU A 239 3.11 -17.26 6.02
CA GLU A 239 4.18 -16.34 6.43
C GLU A 239 4.61 -16.55 7.87
N ALA A 240 4.96 -15.46 8.57
CA ALA A 240 5.41 -15.60 9.96
C ALA A 240 5.64 -14.30 10.74
N PRO A 241 6.29 -13.29 10.13
CA PRO A 241 6.58 -12.03 10.81
C PRO A 241 5.45 -11.24 11.47
N GLU A 242 5.81 -10.58 12.56
CA GLU A 242 4.91 -9.74 13.35
C GLU A 242 3.66 -10.46 13.88
N GLN B 1 8.94 -1.81 -1.20
CA GLN B 1 8.04 -0.67 -1.53
C GLN B 1 7.53 -0.74 -2.97
N ALA B 2 7.54 -1.95 -3.55
CA ALA B 2 7.08 -2.14 -4.92
C ALA B 2 6.51 -3.55 -5.09
N GLY B 3 6.16 -3.89 -6.33
CA GLY B 3 5.63 -5.22 -6.59
C GLY B 3 6.79 -6.20 -6.54
N PHE B 4 7.21 -6.67 -7.70
CA PHE B 4 8.34 -7.60 -7.77
C PHE B 4 8.13 -8.82 -6.89
N ASP B 5 6.89 -9.05 -6.48
CA ASP B 5 6.52 -10.18 -5.63
C ASP B 5 6.09 -11.33 -6.54
N LEU B 6 7.03 -11.78 -7.37
CA LEU B 6 6.83 -12.84 -8.36
C LEU B 6 6.09 -14.12 -7.97
N LEU B 7 6.22 -14.57 -6.73
CA LEU B 7 5.53 -15.79 -6.33
C LEU B 7 4.27 -15.53 -5.52
N ASN B 8 3.97 -14.25 -5.29
CA ASN B 8 2.77 -13.87 -4.53
C ASN B 8 2.82 -14.35 -3.09
N ASP B 9 3.92 -14.07 -2.41
CA ASP B 9 4.12 -14.49 -1.03
C ASP B 9 4.83 -13.43 -0.19
N GLY B 10 4.57 -12.17 -0.47
CA GLY B 10 5.19 -11.10 0.29
C GLY B 10 6.70 -11.06 0.21
N ARG B 11 7.25 -11.29 -0.98
CA ARG B 11 8.69 -11.27 -1.17
C ARG B 11 9.02 -10.57 -2.48
N PRO B 12 9.10 -9.24 -2.47
CA PRO B 12 9.42 -8.48 -3.69
C PRO B 12 10.86 -8.68 -4.13
N GLU B 13 11.71 -9.12 -3.21
CA GLU B 13 13.11 -9.33 -3.54
C GLU B 13 13.28 -10.46 -4.55
N THR B 14 12.29 -11.34 -4.62
CA THR B 14 12.34 -12.48 -5.54
C THR B 14 12.59 -12.10 -7.00
N LEU B 15 12.21 -10.88 -7.37
CA LEU B 15 12.43 -10.44 -8.74
C LEU B 15 13.91 -10.36 -9.05
N TRP B 16 14.74 -10.29 -8.02
CA TRP B 16 16.18 -10.24 -8.19
C TRP B 16 16.72 -11.65 -8.15
N LEU B 17 15.93 -12.56 -7.57
CA LEU B 17 16.32 -13.95 -7.46
C LEU B 17 16.14 -14.69 -8.77
N GLY B 18 15.00 -14.47 -9.42
CA GLY B 18 14.74 -15.14 -10.68
C GLY B 18 15.75 -14.69 -11.71
N ILE B 19 16.05 -13.39 -11.70
CA ILE B 19 17.03 -12.84 -12.63
C ILE B 19 18.38 -13.41 -12.28
N GLY B 20 18.70 -13.46 -11.00
CA GLY B 20 19.96 -14.02 -10.59
C GLY B 20 20.02 -15.46 -11.10
N THR B 21 18.95 -16.22 -10.87
CA THR B 21 18.93 -17.60 -11.33
C THR B 21 19.26 -17.62 -12.82
N LEU B 22 18.48 -16.87 -13.59
CA LEU B 22 18.62 -16.77 -15.03
C LEU B 22 20.03 -16.48 -15.51
N LEU B 23 20.56 -15.33 -15.13
CA LEU B 23 21.90 -14.96 -15.55
C LEU B 23 22.94 -16.04 -15.27
N MET B 24 22.81 -16.74 -14.14
CA MET B 24 23.75 -17.81 -13.80
C MET B 24 23.60 -18.98 -14.75
N LEU B 25 22.35 -19.38 -15.00
CA LEU B 25 22.09 -20.51 -15.90
C LEU B 25 22.63 -20.28 -17.31
N ILE B 26 22.32 -19.14 -17.91
CA ILE B 26 22.79 -18.87 -19.27
C ILE B 26 24.31 -18.74 -19.23
N GLY B 27 24.82 -18.30 -18.08
CA GLY B 27 26.25 -18.15 -17.91
C GLY B 27 26.83 -19.54 -17.90
N THR B 28 26.17 -20.45 -17.19
CA THR B 28 26.63 -21.83 -17.12
C THR B 28 26.64 -22.47 -18.50
N PHE B 29 25.52 -22.40 -19.22
CA PHE B 29 25.49 -23.02 -20.54
C PHE B 29 26.33 -22.34 -21.60
N TYR B 30 26.64 -21.06 -21.37
CA TYR B 30 27.48 -20.33 -22.30
C TYR B 30 28.91 -20.83 -22.17
N PHE B 31 29.33 -21.04 -20.93
CA PHE B 31 30.66 -21.53 -20.68
C PHE B 31 30.76 -22.97 -21.16
N ILE B 32 29.70 -23.74 -20.99
CA ILE B 32 29.70 -25.12 -21.45
C ILE B 32 29.98 -25.14 -22.95
N ALA B 33 29.13 -24.46 -23.72
CA ALA B 33 29.28 -24.39 -25.16
C ALA B 33 30.64 -23.79 -25.53
N ARG B 34 30.93 -22.60 -25.01
CA ARG B 34 32.22 -21.95 -25.31
C ARG B 34 33.40 -22.85 -25.02
N GLY B 35 33.21 -23.82 -24.11
CA GLY B 35 34.29 -24.72 -23.75
C GLY B 35 34.12 -26.13 -24.29
N TRP B 36 33.03 -26.38 -25.02
CA TRP B 36 32.75 -27.70 -25.55
C TRP B 36 33.76 -28.23 -26.57
N GLY B 37 34.37 -27.34 -27.34
CA GLY B 37 35.34 -27.79 -28.33
C GLY B 37 36.76 -27.77 -27.81
N VAL B 38 36.96 -27.09 -26.69
CA VAL B 38 38.30 -26.98 -26.09
C VAL B 38 38.97 -28.34 -25.98
N THR B 39 40.24 -28.38 -26.37
CA THR B 39 41.04 -29.60 -26.34
C THR B 39 42.18 -29.52 -25.33
N ASP B 40 42.73 -28.32 -25.17
CA ASP B 40 43.83 -28.07 -24.23
C ASP B 40 43.43 -28.65 -22.87
N LYS B 41 44.23 -29.55 -22.32
CA LYS B 41 43.93 -30.16 -21.04
C LYS B 41 43.91 -29.15 -19.88
N GLU B 42 44.85 -28.22 -19.89
CA GLU B 42 44.93 -27.21 -18.85
C GLU B 42 43.80 -26.18 -18.96
N ALA B 43 43.49 -25.79 -20.19
CA ALA B 43 42.43 -24.83 -20.45
C ALA B 43 41.05 -25.38 -20.16
N ARG B 44 40.78 -26.62 -20.62
CA ARG B 44 39.47 -27.19 -20.36
C ARG B 44 39.32 -27.35 -18.85
N GLU B 45 40.44 -27.53 -18.18
CA GLU B 45 40.46 -27.65 -16.75
C GLU B 45 39.97 -26.31 -16.21
N TYR B 46 40.41 -25.22 -16.83
CA TYR B 46 39.97 -23.89 -16.41
C TYR B 46 38.49 -23.75 -16.67
N TYR B 47 38.00 -24.43 -17.71
CA TYR B 47 36.59 -24.41 -18.04
C TYR B 47 35.80 -25.28 -17.08
N ALA B 48 36.34 -26.46 -16.77
CA ALA B 48 35.69 -27.39 -15.86
C ALA B 48 35.31 -26.71 -14.55
N ILE B 49 36.21 -25.86 -14.07
CA ILE B 49 36.00 -25.13 -12.82
C ILE B 49 35.04 -23.96 -12.98
N THR B 50 35.28 -23.13 -13.99
CA THR B 50 34.45 -21.94 -14.20
C THR B 50 33.02 -22.26 -14.62
N ILE B 51 32.76 -23.52 -14.97
CA ILE B 51 31.40 -23.94 -15.34
C ILE B 51 30.64 -24.38 -14.09
N LEU B 52 31.34 -25.07 -13.19
CA LEU B 52 30.70 -25.54 -11.95
C LEU B 52 30.22 -24.37 -11.10
N VAL B 53 30.99 -23.28 -11.08
CA VAL B 53 30.61 -22.13 -10.29
C VAL B 53 29.20 -21.61 -10.59
N PRO B 54 28.98 -21.04 -11.79
CA PRO B 54 27.60 -20.59 -12.02
C PRO B 54 26.60 -21.74 -11.95
N GLY B 55 27.09 -22.96 -12.22
CA GLY B 55 26.23 -24.13 -12.15
C GLY B 55 25.61 -24.29 -10.77
N ILE B 56 26.45 -24.28 -9.74
CA ILE B 56 25.97 -24.42 -8.37
C ILE B 56 25.18 -23.20 -7.89
N ALA B 57 25.66 -22.00 -8.22
CA ALA B 57 24.98 -20.79 -7.80
C ALA B 57 23.57 -20.73 -8.39
N SER B 58 23.39 -21.42 -9.51
CA SER B 58 22.09 -21.47 -10.18
C SER B 58 21.07 -22.22 -9.35
N ALA B 59 21.52 -23.29 -8.68
CA ALA B 59 20.62 -24.06 -7.84
C ALA B 59 20.30 -23.23 -6.61
N ALA B 60 21.35 -22.74 -5.95
CA ALA B 60 21.18 -21.92 -4.77
C ALA B 60 20.23 -20.77 -5.07
N TYR B 61 20.48 -20.04 -6.15
CA TYR B 61 19.59 -18.94 -6.49
C TYR B 61 18.16 -19.43 -6.68
N LEU B 62 18.00 -20.53 -7.41
CA LEU B 62 16.68 -21.10 -7.65
C LEU B 62 16.03 -21.48 -6.32
N ALA B 63 16.85 -21.89 -5.36
CA ALA B 63 16.38 -22.29 -4.04
C ALA B 63 15.83 -21.07 -3.31
N MET B 64 16.53 -19.95 -3.45
CA MET B 64 16.09 -18.71 -2.79
C MET B 64 14.85 -18.17 -3.50
N PHE B 65 14.72 -18.48 -4.79
CA PHE B 65 13.55 -18.03 -5.56
C PHE B 65 12.25 -18.66 -5.04
N PHE B 66 12.12 -19.97 -5.21
CA PHE B 66 10.92 -20.72 -4.79
C PHE B 66 10.57 -20.49 -3.32
N GLY B 67 11.57 -20.13 -2.51
CA GLY B 67 11.33 -19.89 -1.10
C GLY B 67 12.05 -20.85 -0.16
N ILE B 68 12.56 -21.94 -0.73
CA ILE B 68 13.26 -22.95 0.04
C ILE B 68 14.54 -22.43 0.71
N GLY B 69 15.27 -21.56 0.00
CA GLY B 69 16.53 -21.04 0.51
C GLY B 69 16.52 -19.96 1.58
N VAL B 70 15.36 -19.71 2.19
CA VAL B 70 15.25 -18.69 3.23
C VAL B 70 14.81 -19.31 4.54
N THR B 71 15.05 -18.58 5.63
CA THR B 71 14.65 -19.06 6.94
C THR B 71 14.18 -17.95 7.85
N GLU B 72 13.16 -18.25 8.63
CA GLU B 72 12.63 -17.29 9.60
C GLU B 72 13.47 -17.45 10.86
N VAL B 73 14.39 -16.51 11.07
CA VAL B 73 15.25 -16.53 12.24
C VAL B 73 14.77 -15.46 13.22
N GLU B 74 14.19 -15.90 14.33
CA GLU B 74 13.74 -14.94 15.33
C GLU B 74 14.92 -14.50 16.18
N LEU B 75 14.96 -13.22 16.50
CA LEU B 75 16.03 -12.68 17.31
C LEU B 75 15.61 -12.79 18.77
N ALA B 76 16.58 -12.94 19.66
CA ALA B 76 16.33 -13.08 21.10
C ALA B 76 15.26 -12.14 21.63
N SER B 77 15.06 -11.02 20.96
CA SER B 77 14.05 -10.06 21.39
C SER B 77 12.71 -10.34 20.73
N GLY B 78 12.68 -11.28 19.79
CA GLY B 78 11.44 -11.61 19.11
C GLY B 78 11.39 -11.09 17.68
N THR B 79 12.32 -10.20 17.33
CA THR B 79 12.39 -9.64 15.98
C THR B 79 12.75 -10.73 14.97
N VAL B 80 11.91 -10.88 13.95
CA VAL B 80 12.11 -11.88 12.91
C VAL B 80 12.89 -11.32 11.72
N LEU B 81 13.85 -12.10 11.25
CA LEU B 81 14.67 -11.71 10.12
C LEU B 81 14.59 -12.83 9.08
N ASP B 82 14.37 -12.47 7.82
CA ASP B 82 14.29 -13.45 6.74
C ASP B 82 15.69 -13.64 6.20
N ILE B 83 16.34 -14.73 6.59
CA ILE B 83 17.71 -15.00 6.15
C ILE B 83 17.85 -15.99 5.01
N TYR B 84 18.35 -15.50 3.88
CA TYR B 84 18.58 -16.36 2.73
C TYR B 84 19.83 -17.19 2.98
N TYR B 85 19.66 -18.16 3.87
CA TYR B 85 20.72 -19.07 4.29
C TYR B 85 21.38 -19.85 3.15
N ALA B 86 20.70 -19.95 2.01
CA ALA B 86 21.24 -20.70 0.88
C ALA B 86 22.49 -20.09 0.28
N ARG B 87 22.71 -18.79 0.54
CA ARG B 87 23.88 -18.11 0.00
C ARG B 87 25.17 -18.78 0.41
N TYR B 88 25.24 -19.24 1.66
CA TYR B 88 26.43 -19.87 2.20
C TYR B 88 26.71 -21.25 1.61
N ALA B 89 25.64 -22.01 1.37
CA ALA B 89 25.77 -23.34 0.78
C ALA B 89 26.47 -23.16 -0.56
N ASP B 90 26.09 -22.08 -1.24
CA ASP B 90 26.61 -21.70 -2.54
C ASP B 90 28.09 -21.37 -2.36
N TRP B 91 28.33 -20.23 -1.71
CA TRP B 91 29.68 -19.73 -1.44
C TRP B 91 30.60 -20.78 -0.85
N LEU B 92 30.07 -21.73 -0.09
CA LEU B 92 30.93 -22.75 0.48
C LEU B 92 31.81 -23.42 -0.57
N PHE B 93 31.22 -23.70 -1.73
CA PHE B 93 31.92 -24.39 -2.83
C PHE B 93 32.41 -23.47 -3.95
N THR B 94 31.65 -22.42 -4.23
CA THR B 94 32.02 -21.48 -5.29
C THR B 94 33.28 -20.69 -5.01
N THR B 95 33.40 -20.07 -3.84
CA THR B 95 34.60 -19.31 -3.53
C THR B 95 35.88 -20.16 -3.64
N PRO B 96 35.88 -21.40 -3.10
CA PRO B 96 37.08 -22.25 -3.19
C PRO B 96 37.45 -22.50 -4.65
N LEU B 97 36.44 -22.74 -5.48
CA LEU B 97 36.67 -22.97 -6.90
C LEU B 97 37.28 -21.72 -7.52
N LEU B 98 36.75 -20.56 -7.14
CA LEU B 98 37.27 -19.30 -7.65
C LEU B 98 38.73 -19.20 -7.22
N LEU B 99 39.02 -19.52 -5.97
CA LEU B 99 40.41 -19.47 -5.54
C LEU B 99 41.20 -20.52 -6.29
N LEU B 100 40.51 -21.60 -6.71
CA LEU B 100 41.20 -22.66 -7.43
C LEU B 100 41.64 -22.10 -8.78
N ASP B 101 40.78 -21.30 -9.41
CA ASP B 101 41.16 -20.70 -10.68
C ASP B 101 42.42 -19.86 -10.48
N LEU B 102 42.37 -18.94 -9.52
CA LEU B 102 43.53 -18.07 -9.25
C LEU B 102 44.79 -18.91 -8.99
N ALA B 103 44.71 -19.83 -8.02
CA ALA B 103 45.85 -20.68 -7.66
C ALA B 103 46.42 -21.48 -8.84
N LEU B 104 45.61 -21.70 -9.87
CA LEU B 104 46.06 -22.43 -11.05
C LEU B 104 46.81 -21.53 -12.02
N LEU B 105 46.39 -20.27 -12.09
CA LEU B 105 47.03 -19.30 -12.97
C LEU B 105 48.41 -18.91 -12.41
N ALA B 106 48.47 -18.73 -11.09
CA ALA B 106 49.71 -18.35 -10.40
C ALA B 106 50.75 -19.46 -10.38
N LYS B 107 50.29 -20.71 -10.42
CA LYS B 107 51.17 -21.88 -10.41
C LYS B 107 51.81 -22.10 -9.02
N VAL B 108 50.98 -22.07 -7.98
CA VAL B 108 51.43 -22.27 -6.60
C VAL B 108 51.26 -23.73 -6.18
N ASP B 109 51.96 -24.13 -5.12
CA ASP B 109 51.92 -25.50 -4.61
C ASP B 109 50.60 -25.91 -3.96
N ARG B 110 50.48 -27.22 -3.69
CA ARG B 110 49.28 -27.78 -3.08
C ARG B 110 49.07 -27.39 -1.63
N VAL B 111 50.11 -26.87 -0.97
CA VAL B 111 49.99 -26.45 0.42
C VAL B 111 49.25 -25.12 0.40
N THR B 112 49.70 -24.21 -0.46
CA THR B 112 49.07 -22.92 -0.61
C THR B 112 47.59 -23.06 -0.94
N ILE B 113 47.27 -23.99 -1.85
CA ILE B 113 45.89 -24.24 -2.28
C ILE B 113 45.00 -24.63 -1.11
N GLY B 114 45.47 -25.59 -0.31
CA GLY B 114 44.73 -26.05 0.84
C GLY B 114 44.47 -24.92 1.82
N THR B 115 45.44 -24.02 1.95
CA THR B 115 45.26 -22.89 2.87
C THR B 115 44.18 -21.94 2.39
N LEU B 116 44.17 -21.62 1.11
CA LEU B 116 43.15 -20.73 0.57
C LEU B 116 41.75 -21.34 0.74
N ILE B 117 41.63 -22.62 0.42
CA ILE B 117 40.34 -23.32 0.54
C ILE B 117 39.98 -23.53 2.00
N GLY B 118 40.97 -23.97 2.79
CA GLY B 118 40.74 -24.20 4.20
C GLY B 118 40.26 -22.95 4.89
N VAL B 119 41.00 -21.85 4.74
CA VAL B 119 40.64 -20.59 5.38
C VAL B 119 39.32 -20.04 4.83
N ASP B 120 39.16 -20.08 3.50
CA ASP B 120 37.96 -19.60 2.85
C ASP B 120 36.69 -20.23 3.45
N ALA B 121 36.61 -21.56 3.43
CA ALA B 121 35.45 -22.29 3.95
C ALA B 121 35.10 -21.86 5.37
N LEU B 122 36.13 -21.72 6.22
CA LEU B 122 35.96 -21.30 7.62
C LEU B 122 35.32 -19.92 7.60
N MET B 123 35.74 -19.10 6.64
CA MET B 123 35.18 -17.77 6.46
C MET B 123 33.68 -17.95 6.14
N ILE B 124 33.37 -18.89 5.25
CA ILE B 124 31.97 -19.14 4.91
C ILE B 124 31.16 -19.69 6.09
N VAL B 125 31.68 -20.71 6.75
CA VAL B 125 30.95 -21.31 7.86
C VAL B 125 30.72 -20.32 9.00
N THR B 126 31.74 -19.56 9.38
CA THR B 126 31.54 -18.60 10.45
C THR B 126 30.49 -17.61 9.97
N GLY B 127 30.54 -17.30 8.67
CA GLY B 127 29.59 -16.38 8.09
C GLY B 127 28.16 -16.84 8.30
N LEU B 128 27.89 -18.10 7.97
CA LEU B 128 26.56 -18.67 8.16
C LEU B 128 26.14 -18.64 9.64
N ILE B 129 27.03 -19.07 10.53
CA ILE B 129 26.75 -19.08 11.97
C ILE B 129 26.17 -17.73 12.42
N GLY B 130 26.91 -16.67 12.09
CA GLY B 130 26.49 -15.32 12.45
C GLY B 130 25.11 -14.93 11.96
N ALA B 131 24.77 -15.30 10.73
CA ALA B 131 23.46 -14.98 10.14
C ALA B 131 22.30 -15.70 10.82
N LEU B 132 22.59 -16.75 11.60
CA LEU B 132 21.54 -17.48 12.29
C LEU B 132 21.54 -17.22 13.79
N SER B 133 22.49 -16.40 14.25
CA SER B 133 22.60 -16.07 15.67
C SER B 133 21.44 -15.21 16.14
N LYS B 134 20.87 -15.56 17.29
CA LYS B 134 19.73 -14.84 17.84
C LYS B 134 20.09 -13.61 18.67
N THR B 135 21.38 -13.40 18.94
CA THR B 135 21.80 -12.24 19.71
C THR B 135 22.74 -11.36 18.91
N PRO B 136 22.46 -10.06 18.86
CA PRO B 136 23.28 -9.09 18.11
C PRO B 136 24.77 -9.19 18.44
N LEU B 137 25.07 -9.41 19.71
CA LEU B 137 26.45 -9.54 20.16
C LEU B 137 27.09 -10.72 19.44
N ALA B 138 26.34 -11.81 19.33
CA ALA B 138 26.86 -13.01 18.67
C ALA B 138 26.96 -12.80 17.17
N ARG B 139 25.99 -12.09 16.61
CA ARG B 139 25.96 -11.85 15.18
C ARG B 139 27.14 -11.01 14.71
N TYR B 140 27.43 -9.91 15.40
CA TYR B 140 28.55 -9.06 15.01
C TYR B 140 29.89 -9.74 15.26
N THR B 141 29.96 -10.49 16.35
CA THR B 141 31.18 -11.21 16.70
C THR B 141 31.58 -12.15 15.56
N TRP B 142 30.63 -12.95 15.10
CA TRP B 142 30.90 -13.88 14.01
C TRP B 142 31.30 -13.16 12.74
N TRP B 143 30.72 -11.97 12.52
CA TRP B 143 31.06 -11.18 11.34
C TRP B 143 32.55 -10.99 11.43
N LEU B 144 32.97 -10.34 12.52
CA LEU B 144 34.38 -10.06 12.82
C LEU B 144 35.20 -11.29 12.54
N PHE B 145 34.90 -12.34 13.29
CA PHE B 145 35.56 -13.64 13.17
C PHE B 145 35.74 -13.95 11.68
N SER B 146 34.62 -14.10 10.99
CA SER B 146 34.66 -14.42 9.56
C SER B 146 35.51 -13.42 8.77
N THR B 147 35.41 -12.14 9.13
CA THR B 147 36.17 -11.10 8.46
C THR B 147 37.67 -11.34 8.55
N ILE B 148 38.11 -11.90 9.67
CA ILE B 148 39.53 -12.18 9.85
C ILE B 148 39.95 -13.27 8.89
N ALA B 149 39.16 -14.33 8.80
CA ALA B 149 39.46 -15.43 7.90
C ALA B 149 39.53 -14.90 6.46
N PHE B 150 38.82 -13.79 6.22
CA PHE B 150 38.78 -13.16 4.90
C PHE B 150 40.08 -12.42 4.57
N LEU B 151 40.53 -11.60 5.51
CA LEU B 151 41.76 -10.82 5.33
C LEU B 151 42.96 -11.75 5.11
N PHE B 152 42.88 -12.96 5.66
CA PHE B 152 43.96 -13.94 5.45
C PHE B 152 43.93 -14.36 3.98
N VAL B 153 42.73 -14.64 3.49
CA VAL B 153 42.53 -15.05 2.09
C VAL B 153 43.08 -14.00 1.13
N LEU B 154 42.68 -12.76 1.32
CA LEU B 154 43.16 -11.69 0.47
C LEU B 154 44.67 -11.55 0.60
N TYR B 155 45.14 -11.60 1.83
CA TYR B 155 46.56 -11.47 2.10
C TYR B 155 47.44 -12.44 1.31
N TYR B 156 47.20 -13.74 1.48
CA TYR B 156 47.99 -14.74 0.78
C TYR B 156 47.74 -14.68 -0.71
N LEU B 157 46.61 -14.10 -1.08
CA LEU B 157 46.23 -13.94 -2.47
C LEU B 157 47.06 -12.82 -3.10
N LEU B 158 47.06 -11.64 -2.47
CA LEU B 158 47.80 -10.49 -2.98
C LEU B 158 49.31 -10.53 -2.72
N THR B 159 49.79 -11.58 -2.07
CA THR B 159 51.22 -11.67 -1.81
C THR B 159 51.79 -12.96 -2.37
N SER B 160 51.49 -14.10 -1.73
CA SER B 160 52.00 -15.38 -2.23
C SER B 160 51.56 -15.63 -3.67
N LEU B 161 50.26 -15.63 -3.91
CA LEU B 161 49.75 -15.85 -5.27
C LEU B 161 50.25 -14.77 -6.25
N ARG B 162 50.49 -13.56 -5.74
CA ARG B 162 50.96 -12.46 -6.60
C ARG B 162 52.38 -12.70 -7.11
N SER B 163 53.33 -12.86 -6.18
CA SER B 163 54.72 -13.09 -6.56
C SER B 163 54.85 -14.28 -7.50
N ALA B 164 54.26 -15.40 -7.10
CA ALA B 164 54.33 -16.62 -7.90
C ALA B 164 53.77 -16.45 -9.31
N ALA B 165 52.75 -15.61 -9.44
CA ALA B 165 52.16 -15.37 -10.75
C ALA B 165 53.05 -14.44 -11.57
N ALA B 166 54.00 -13.80 -10.89
CA ALA B 166 54.92 -12.88 -11.55
C ALA B 166 56.11 -13.60 -12.15
N LYS B 167 56.17 -14.91 -11.96
CA LYS B 167 57.27 -15.68 -12.49
C LYS B 167 56.81 -16.49 -13.68
N ARG B 168 55.80 -15.97 -14.36
CA ARG B 168 55.23 -16.58 -15.55
C ARG B 168 55.12 -15.46 -16.58
N SER B 169 54.62 -15.79 -17.77
CA SER B 169 54.49 -14.80 -18.84
C SER B 169 53.78 -13.51 -18.42
N GLU B 170 54.06 -12.44 -19.16
CA GLU B 170 53.43 -11.15 -18.91
C GLU B 170 51.95 -11.34 -19.22
N GLU B 171 51.68 -12.27 -20.12
CA GLU B 171 50.32 -12.58 -20.54
C GLU B 171 49.54 -13.25 -19.40
N VAL B 172 50.20 -14.16 -18.69
CA VAL B 172 49.56 -14.85 -17.58
C VAL B 172 49.35 -13.91 -16.41
N ARG B 173 50.44 -13.30 -15.93
CA ARG B 173 50.39 -12.37 -14.81
C ARG B 173 49.31 -11.30 -15.04
N SER B 174 49.15 -10.90 -16.28
CA SER B 174 48.15 -9.89 -16.64
C SER B 174 46.76 -10.32 -16.25
N THR B 175 46.34 -11.46 -16.78
CA THR B 175 45.03 -12.03 -16.49
C THR B 175 44.91 -12.30 -15.00
N PHE B 176 46.03 -12.65 -14.37
CA PHE B 176 46.03 -12.90 -12.95
C PHE B 176 45.69 -11.63 -12.17
N ASN B 177 46.56 -10.64 -12.29
CA ASN B 177 46.39 -9.36 -11.61
C ASN B 177 45.00 -8.77 -11.82
N THR B 178 44.47 -8.93 -13.03
CA THR B 178 43.14 -8.42 -13.37
C THR B 178 42.07 -9.09 -12.52
N LEU B 179 42.07 -10.43 -12.54
CA LEU B 179 41.10 -11.21 -11.79
C LEU B 179 41.24 -11.00 -10.30
N THR B 180 42.49 -11.01 -9.84
CA THR B 180 42.77 -10.83 -8.42
C THR B 180 42.15 -9.52 -7.97
N ALA B 181 42.31 -8.50 -8.81
CA ALA B 181 41.78 -7.17 -8.53
C ALA B 181 40.26 -7.23 -8.42
N LEU B 182 39.65 -7.97 -9.34
CA LEU B 182 38.21 -8.14 -9.37
C LEU B 182 37.74 -8.71 -8.04
N VAL B 183 38.40 -9.78 -7.62
CA VAL B 183 38.11 -10.46 -6.35
C VAL B 183 38.33 -9.51 -5.20
N ALA B 184 39.45 -8.80 -5.28
CA ALA B 184 39.83 -7.83 -4.27
C ALA B 184 38.72 -6.83 -3.95
N VAL B 185 38.20 -6.17 -4.99
CA VAL B 185 37.15 -5.19 -4.77
C VAL B 185 35.76 -5.80 -4.57
N LEU B 186 35.42 -6.80 -5.37
CA LEU B 186 34.11 -7.46 -5.25
C LEU B 186 33.90 -8.17 -3.91
N TRP B 187 34.77 -9.12 -3.59
CA TRP B 187 34.64 -9.87 -2.35
C TRP B 187 34.49 -8.94 -1.16
N THR B 188 35.32 -7.91 -1.11
CA THR B 188 35.27 -6.93 -0.04
C THR B 188 33.87 -6.31 0.14
N ALA B 189 33.10 -6.23 -0.94
CA ALA B 189 31.75 -5.67 -0.86
C ALA B 189 30.75 -6.56 -0.09
N TYR B 190 30.96 -7.88 -0.12
CA TYR B 190 30.08 -8.81 0.58
C TYR B 190 30.04 -8.55 2.09
N PRO B 191 31.21 -8.50 2.77
CA PRO B 191 31.19 -8.25 4.21
C PRO B 191 30.58 -6.90 4.54
N ILE B 192 30.87 -5.88 3.73
CA ILE B 192 30.30 -4.55 3.97
C ILE B 192 28.78 -4.62 3.86
N LEU B 193 28.30 -5.24 2.80
CA LEU B 193 26.87 -5.37 2.56
C LEU B 193 26.14 -6.17 3.64
N TRP B 194 26.83 -7.17 4.20
CA TRP B 194 26.25 -8.00 5.23
C TRP B 194 26.02 -7.18 6.51
N ILE B 195 27.05 -6.45 6.91
CA ILE B 195 26.95 -5.64 8.11
C ILE B 195 26.01 -4.45 7.97
N VAL B 196 25.94 -3.84 6.78
CA VAL B 196 25.01 -2.72 6.62
C VAL B 196 23.63 -3.27 6.27
N GLY B 197 23.57 -4.55 5.93
CA GLY B 197 22.32 -5.18 5.55
C GLY B 197 21.37 -5.65 6.65
N THR B 198 20.48 -6.56 6.27
CA THR B 198 19.50 -7.09 7.22
C THR B 198 20.12 -7.98 8.29
N GLU B 199 21.33 -8.47 8.02
CA GLU B 199 22.04 -9.33 8.96
C GLU B 199 22.69 -8.52 10.07
N GLY B 200 23.00 -7.26 9.76
CA GLY B 200 23.63 -6.40 10.73
C GLY B 200 22.80 -5.18 11.08
N ALA B 201 23.38 -3.99 10.91
CA ALA B 201 22.72 -2.73 11.22
C ALA B 201 21.36 -2.61 10.55
N GLY B 202 21.25 -3.09 9.32
CA GLY B 202 19.99 -3.03 8.62
C GLY B 202 19.62 -1.66 8.08
N VAL B 203 20.62 -0.90 7.63
CA VAL B 203 20.36 0.43 7.09
C VAL B 203 19.94 0.23 5.63
N VAL B 204 20.02 -1.02 5.19
CA VAL B 204 19.66 -1.42 3.82
C VAL B 204 18.58 -2.48 3.85
N GLY B 205 17.44 -2.21 3.22
CA GLY B 205 16.36 -3.16 3.21
C GLY B 205 16.68 -4.42 2.43
N LEU B 206 15.90 -5.48 2.68
CA LEU B 206 16.08 -6.77 2.02
C LEU B 206 16.08 -6.66 0.49
N GLY B 207 15.05 -6.04 -0.07
CA GLY B 207 14.96 -5.89 -1.51
C GLY B 207 16.23 -5.33 -2.09
N ILE B 208 16.74 -4.28 -1.46
CA ILE B 208 17.96 -3.61 -1.88
C ILE B 208 19.17 -4.53 -1.73
N GLU B 209 19.22 -5.24 -0.60
CA GLU B 209 20.31 -6.14 -0.28
C GLU B 209 20.34 -7.28 -1.30
N THR B 210 19.16 -7.82 -1.59
CA THR B 210 19.05 -8.91 -2.54
C THR B 210 19.60 -8.49 -3.91
N LEU B 211 19.31 -7.26 -4.32
CA LEU B 211 19.78 -6.79 -5.62
C LEU B 211 21.30 -6.67 -5.62
N ALA B 212 21.85 -6.04 -4.59
CA ALA B 212 23.30 -5.88 -4.49
C ALA B 212 23.94 -7.26 -4.67
N PHE B 213 23.66 -8.17 -3.75
CA PHE B 213 24.20 -9.52 -3.81
C PHE B 213 24.04 -10.16 -5.19
N MET B 214 22.87 -10.02 -5.79
CA MET B 214 22.62 -10.58 -7.11
C MET B 214 23.67 -10.02 -8.07
N VAL B 215 23.81 -8.70 -8.06
CA VAL B 215 24.78 -8.03 -8.92
C VAL B 215 26.20 -8.46 -8.57
N LEU B 216 26.51 -8.57 -7.28
CA LEU B 216 27.86 -8.99 -6.89
C LEU B 216 28.11 -10.44 -7.34
N ASP B 217 27.13 -11.32 -7.15
CA ASP B 217 27.30 -12.72 -7.54
C ASP B 217 27.59 -12.89 -9.02
N VAL B 218 26.74 -12.30 -9.86
CA VAL B 218 26.88 -12.41 -11.31
C VAL B 218 28.25 -11.97 -11.80
N THR B 219 28.70 -10.82 -11.31
CA THR B 219 29.99 -10.28 -11.70
C THR B 219 31.12 -11.20 -11.25
N ALA B 220 31.10 -11.59 -9.96
CA ALA B 220 32.15 -12.45 -9.42
C ALA B 220 32.17 -13.84 -10.04
N LYS B 221 31.06 -14.24 -10.66
CA LYS B 221 30.96 -15.55 -11.30
C LYS B 221 31.17 -15.45 -12.80
N VAL B 222 30.11 -15.02 -13.48
CA VAL B 222 30.09 -14.88 -14.92
C VAL B 222 31.09 -13.88 -15.47
N GLY B 223 31.13 -12.69 -14.88
CA GLY B 223 32.05 -11.67 -15.33
C GLY B 223 33.47 -12.15 -15.18
N PHE B 224 33.77 -12.68 -14.00
CA PHE B 224 35.09 -13.20 -13.70
C PHE B 224 35.36 -14.36 -14.65
N GLY B 225 34.31 -15.14 -14.92
CA GLY B 225 34.47 -16.26 -15.83
C GLY B 225 34.87 -15.80 -17.22
N PHE B 226 34.10 -14.86 -17.76
CA PHE B 226 34.36 -14.31 -19.08
C PHE B 226 35.80 -13.82 -19.21
N VAL B 227 36.25 -13.02 -18.23
CA VAL B 227 37.62 -12.50 -18.23
C VAL B 227 38.65 -13.63 -18.19
N LEU B 228 38.35 -14.66 -17.43
CA LEU B 228 39.26 -15.80 -17.30
C LEU B 228 39.25 -16.69 -18.54
N LEU B 229 38.06 -17.15 -18.92
CA LEU B 229 37.89 -18.05 -20.06
C LEU B 229 38.06 -17.44 -21.45
N ARG B 230 38.36 -16.15 -21.53
CA ARG B 230 38.51 -15.45 -22.80
C ARG B 230 39.95 -15.14 -23.15
N SER B 231 40.86 -15.35 -22.20
CA SER B 231 42.27 -15.03 -22.43
C SER B 231 43.13 -16.18 -22.93
N ARG B 232 44.36 -15.86 -23.29
CA ARG B 232 45.34 -16.82 -23.78
C ARG B 232 45.96 -17.55 -22.60
N ALA B 233 46.09 -16.84 -21.49
CA ALA B 233 46.69 -17.38 -20.27
C ALA B 233 46.13 -18.73 -19.81
N ILE B 234 44.93 -19.10 -20.27
CA ILE B 234 44.36 -20.38 -19.86
C ILE B 234 44.91 -21.50 -20.75
N LEU B 235 45.56 -21.10 -21.84
CA LEU B 235 46.16 -22.06 -22.75
C LEU B 235 47.53 -22.41 -22.17
N GLY B 236 47.62 -22.40 -20.84
CA GLY B 236 48.87 -22.70 -20.16
C GLY B 236 49.89 -21.69 -20.62
N GLU B 237 50.85 -22.16 -21.42
CA GLU B 237 51.88 -21.33 -22.00
C GLU B 237 52.01 -21.85 -23.43
N THR B 238 50.95 -21.63 -24.20
CA THR B 238 50.85 -22.09 -25.58
C THR B 238 50.97 -23.61 -25.62
N ASP C 5 28.95 -10.95 -37.63
CA ASP C 5 29.05 -9.89 -38.67
C ASP C 5 28.04 -10.13 -39.79
N LEU C 6 26.77 -9.88 -39.48
CA LEU C 6 25.66 -10.06 -40.40
C LEU C 6 25.76 -9.27 -41.70
N LEU C 7 26.44 -8.13 -41.65
CA LEU C 7 26.58 -7.29 -42.85
C LEU C 7 28.00 -7.25 -43.43
N ASN C 8 28.84 -8.21 -43.04
CA ASN C 8 30.20 -8.25 -43.55
C ASN C 8 30.90 -6.91 -43.34
N ASP C 9 30.50 -6.17 -42.31
CA ASP C 9 31.09 -4.87 -42.00
C ASP C 9 32.33 -5.05 -41.13
N GLY C 10 32.44 -6.22 -40.50
CA GLY C 10 33.57 -6.49 -39.63
C GLY C 10 33.15 -6.21 -38.19
N ARG C 11 31.85 -6.18 -37.97
CA ARG C 11 31.28 -5.92 -36.65
C ARG C 11 30.38 -7.04 -36.17
N PRO C 12 30.94 -8.01 -35.43
CA PRO C 12 30.16 -9.15 -34.91
C PRO C 12 29.06 -8.70 -33.94
N GLU C 13 29.07 -7.41 -33.61
CA GLU C 13 28.08 -6.88 -32.69
C GLU C 13 26.76 -6.52 -33.36
N THR C 14 26.70 -6.59 -34.69
CA THR C 14 25.46 -6.27 -35.39
C THR C 14 24.38 -7.28 -35.09
N LEU C 15 24.79 -8.49 -34.71
CA LEU C 15 23.83 -9.54 -34.39
C LEU C 15 22.93 -9.03 -33.27
N TRP C 16 23.55 -8.54 -32.20
CA TRP C 16 22.82 -7.99 -31.07
C TRP C 16 22.05 -6.74 -31.52
N LEU C 17 22.69 -5.92 -32.35
CA LEU C 17 22.03 -4.71 -32.85
C LEU C 17 20.80 -5.10 -33.66
N GLY C 18 20.94 -6.15 -34.48
CA GLY C 18 19.83 -6.61 -35.28
C GLY C 18 18.73 -7.03 -34.33
N ILE C 19 19.06 -7.93 -33.42
CA ILE C 19 18.09 -8.42 -32.44
C ILE C 19 17.39 -7.24 -31.78
N GLY C 20 18.16 -6.21 -31.44
CA GLY C 20 17.60 -5.02 -30.82
C GLY C 20 16.51 -4.39 -31.69
N THR C 21 16.84 -4.14 -32.95
CA THR C 21 15.89 -3.53 -33.87
C THR C 21 14.61 -4.36 -33.94
N LEU C 22 14.77 -5.68 -34.13
CA LEU C 22 13.63 -6.58 -34.21
C LEU C 22 12.74 -6.55 -32.97
N LEU C 23 13.38 -6.48 -31.79
CA LEU C 23 12.63 -6.46 -30.53
C LEU C 23 11.96 -5.11 -30.28
N MET C 24 12.52 -4.04 -30.83
CA MET C 24 11.93 -2.72 -30.65
C MET C 24 10.71 -2.58 -31.55
N LEU C 25 10.85 -3.08 -32.77
CA LEU C 25 9.78 -3.03 -33.75
C LEU C 25 8.54 -3.78 -33.26
N ILE C 26 8.72 -5.03 -32.83
CA ILE C 26 7.61 -5.82 -32.35
C ILE C 26 6.95 -5.16 -31.15
N GLY C 27 7.76 -4.52 -30.31
CA GLY C 27 7.20 -3.84 -29.15
C GLY C 27 6.35 -2.70 -29.67
N THR C 28 6.89 -1.96 -30.64
CA THR C 28 6.20 -0.83 -31.24
C THR C 28 4.83 -1.18 -31.80
N PHE C 29 4.77 -2.20 -32.64
CA PHE C 29 3.52 -2.61 -33.25
C PHE C 29 2.57 -3.38 -32.34
N TYR C 30 3.11 -3.97 -31.28
CA TYR C 30 2.28 -4.71 -30.33
C TYR C 30 1.49 -3.70 -29.48
N PHE C 31 2.13 -2.61 -29.08
CA PHE C 31 1.47 -1.60 -28.28
C PHE C 31 0.43 -0.84 -29.13
N ILE C 32 0.75 -0.62 -30.40
CA ILE C 32 -0.19 0.06 -31.30
C ILE C 32 -1.40 -0.84 -31.50
N ALA C 33 -1.15 -2.14 -31.53
CA ALA C 33 -2.19 -3.13 -31.72
C ALA C 33 -3.05 -3.30 -30.47
N ARG C 34 -2.39 -3.28 -29.31
CA ARG C 34 -3.06 -3.43 -28.03
C ARG C 34 -3.87 -2.17 -27.74
N GLY C 35 -3.36 -1.02 -28.18
CA GLY C 35 -4.04 0.23 -27.93
C GLY C 35 -4.93 0.75 -29.04
N TRP C 36 -4.96 0.06 -30.17
CA TRP C 36 -5.77 0.50 -31.29
C TRP C 36 -7.26 0.66 -30.98
N GLY C 37 -7.76 -0.12 -30.02
CA GLY C 37 -9.18 0.00 -29.69
C GLY C 37 -9.51 0.76 -28.43
N VAL C 38 -8.49 1.33 -27.77
CA VAL C 38 -8.72 2.06 -26.53
C VAL C 38 -9.46 3.39 -26.71
N THR C 39 -10.53 3.55 -25.95
CA THR C 39 -11.37 4.73 -25.97
C THR C 39 -11.05 5.71 -24.85
N ASP C 40 -10.59 5.20 -23.71
CA ASP C 40 -10.26 6.05 -22.56
C ASP C 40 -9.12 7.01 -22.89
N LYS C 41 -9.46 8.29 -22.91
CA LYS C 41 -8.53 9.38 -23.23
C LYS C 41 -7.21 9.31 -22.47
N GLU C 42 -7.28 9.13 -21.15
CA GLU C 42 -6.07 9.04 -20.34
C GLU C 42 -5.25 7.80 -20.70
N ALA C 43 -5.95 6.73 -21.07
CA ALA C 43 -5.28 5.50 -21.46
C ALA C 43 -4.63 5.70 -22.83
N ARG C 44 -5.35 6.34 -23.75
CA ARG C 44 -4.83 6.61 -25.09
C ARG C 44 -3.56 7.44 -24.96
N GLU C 45 -3.55 8.31 -23.96
CA GLU C 45 -2.42 9.19 -23.67
C GLU C 45 -1.20 8.35 -23.27
N TYR C 46 -1.40 7.44 -22.31
CA TYR C 46 -0.30 6.57 -21.89
C TYR C 46 0.20 5.77 -23.08
N TYR C 47 -0.71 5.07 -23.76
CA TYR C 47 -0.32 4.26 -24.92
C TYR C 47 0.43 5.10 -25.96
N ALA C 48 -0.09 6.28 -26.28
CA ALA C 48 0.55 7.16 -27.26
C ALA C 48 2.03 7.37 -26.87
N ILE C 49 2.23 8.03 -25.74
CA ILE C 49 3.57 8.30 -25.21
C ILE C 49 4.46 7.07 -25.16
N THR C 50 3.92 5.99 -24.59
CA THR C 50 4.69 4.75 -24.46
C THR C 50 5.10 4.14 -25.79
N ILE C 51 4.19 4.12 -26.77
CA ILE C 51 4.52 3.53 -28.06
C ILE C 51 5.66 4.31 -28.72
N LEU C 52 5.71 5.61 -28.48
CA LEU C 52 6.77 6.46 -29.04
C LEU C 52 8.15 5.98 -28.60
N VAL C 53 8.23 5.42 -27.39
CA VAL C 53 9.50 4.97 -26.84
C VAL C 53 10.18 3.91 -27.71
N PRO C 54 9.52 2.76 -27.93
CA PRO C 54 10.15 1.74 -28.77
C PRO C 54 10.30 2.20 -30.23
N GLY C 55 9.32 2.96 -30.70
CA GLY C 55 9.35 3.46 -32.06
C GLY C 55 10.65 4.13 -32.43
N ILE C 56 10.96 5.24 -31.75
CA ILE C 56 12.21 5.95 -31.99
C ILE C 56 13.39 5.02 -31.78
N ALA C 57 13.31 4.22 -30.72
CA ALA C 57 14.36 3.27 -30.36
C ALA C 57 14.66 2.31 -31.52
N SER C 58 13.63 2.01 -32.32
CA SER C 58 13.80 1.12 -33.45
C SER C 58 14.65 1.79 -34.51
N ALA C 59 14.42 3.09 -34.68
CA ALA C 59 15.17 3.87 -35.65
C ALA C 59 16.65 3.89 -35.26
N ALA C 60 16.92 4.19 -33.99
CA ALA C 60 18.29 4.22 -33.50
C ALA C 60 18.97 2.87 -33.69
N TYR C 61 18.31 1.81 -33.22
CA TYR C 61 18.88 0.47 -33.37
C TYR C 61 19.14 0.16 -34.84
N LEU C 62 18.20 0.52 -35.70
CA LEU C 62 18.37 0.26 -37.12
C LEU C 62 19.54 1.09 -37.67
N ALA C 63 19.76 2.27 -37.07
CA ALA C 63 20.84 3.14 -37.51
C ALA C 63 22.20 2.57 -37.11
N MET C 64 22.27 2.03 -35.91
CA MET C 64 23.51 1.44 -35.40
C MET C 64 23.78 0.12 -36.12
N PHE C 65 22.71 -0.50 -36.61
CA PHE C 65 22.78 -1.76 -37.32
C PHE C 65 23.49 -1.67 -38.67
N PHE C 66 23.16 -0.66 -39.46
CA PHE C 66 23.78 -0.52 -40.76
C PHE C 66 25.15 0.12 -40.76
N GLY C 67 25.51 0.80 -39.68
CA GLY C 67 26.82 1.42 -39.61
C GLY C 67 26.76 2.92 -39.85
N ILE C 68 25.67 3.54 -39.45
CA ILE C 68 25.51 4.99 -39.60
C ILE C 68 25.61 5.57 -38.20
N GLY C 69 24.81 5.01 -37.29
CA GLY C 69 24.79 5.46 -35.93
C GLY C 69 26.07 5.10 -35.20
N VAL C 70 27.17 5.08 -35.94
CA VAL C 70 28.48 4.75 -35.41
C VAL C 70 29.48 5.75 -35.98
N THR C 71 30.59 5.93 -35.28
CA THR C 71 31.61 6.87 -35.74
C THR C 71 32.94 6.51 -35.09
N GLU C 72 34.02 6.70 -35.83
CA GLU C 72 35.35 6.40 -35.30
C GLU C 72 35.90 7.59 -34.52
N VAL C 73 36.03 7.42 -33.21
CA VAL C 73 36.54 8.47 -32.34
C VAL C 73 37.99 8.24 -31.97
N GLU C 74 38.88 9.11 -32.45
CA GLU C 74 40.29 8.98 -32.15
C GLU C 74 40.63 9.57 -30.79
N LEU C 75 41.55 8.93 -30.09
CA LEU C 75 41.97 9.37 -28.78
C LEU C 75 43.29 10.15 -28.90
N ALA C 76 43.58 10.98 -27.91
CA ALA C 76 44.80 11.78 -27.92
C ALA C 76 46.03 10.88 -28.02
N SER C 77 45.88 9.63 -27.57
CA SER C 77 46.98 8.67 -27.59
C SER C 77 47.15 8.00 -28.96
N GLY C 78 46.04 7.59 -29.57
CA GLY C 78 46.12 6.96 -30.88
C GLY C 78 45.09 5.87 -31.12
N THR C 79 44.43 5.44 -30.05
CA THR C 79 43.42 4.40 -30.16
C THR C 79 42.12 4.92 -30.77
N VAL C 80 41.47 4.08 -31.58
CA VAL C 80 40.20 4.45 -32.18
C VAL C 80 39.18 3.86 -31.21
N LEU C 81 37.98 4.43 -31.12
CA LEU C 81 37.00 3.92 -30.15
C LEU C 81 35.65 3.40 -30.62
N ASP C 82 35.32 3.55 -31.91
CA ASP C 82 34.04 3.08 -32.43
C ASP C 82 32.89 3.40 -31.47
N ILE C 83 32.35 4.60 -31.58
CA ILE C 83 31.26 5.02 -30.69
C ILE C 83 29.90 5.05 -31.36
N TYR C 84 28.96 4.30 -30.77
CA TYR C 84 27.59 4.23 -31.24
C TYR C 84 26.85 5.44 -30.68
N TYR C 85 27.27 6.61 -31.16
CA TYR C 85 26.70 7.89 -30.74
C TYR C 85 25.18 7.95 -30.88
N ALA C 86 24.61 7.11 -31.74
CA ALA C 86 23.16 7.10 -31.97
C ALA C 86 22.36 6.84 -30.70
N ARG C 87 22.94 6.07 -29.77
CA ARG C 87 22.26 5.75 -28.51
C ARG C 87 21.77 7.00 -27.80
N TYR C 88 22.54 8.08 -27.93
CA TYR C 88 22.20 9.34 -27.28
C TYR C 88 21.07 10.10 -27.94
N ALA C 89 20.91 9.91 -29.26
CA ALA C 89 19.83 10.55 -30.00
C ALA C 89 18.56 9.92 -29.45
N ASP C 90 18.61 8.61 -29.32
CA ASP C 90 17.52 7.81 -28.78
C ASP C 90 17.11 8.37 -27.42
N TRP C 91 17.97 8.18 -26.44
CA TRP C 91 17.72 8.62 -25.07
C TRP C 91 17.21 10.06 -24.95
N LEU C 92 17.71 10.96 -25.79
CA LEU C 92 17.27 12.35 -25.75
C LEU C 92 15.75 12.49 -25.76
N PHE C 93 15.06 11.54 -26.39
CA PHE C 93 13.60 11.60 -26.47
C PHE C 93 12.93 10.47 -25.69
N THR C 94 13.56 9.31 -25.65
CA THR C 94 12.97 8.19 -24.93
C THR C 94 12.96 8.41 -23.43
N THR C 95 14.09 8.79 -22.86
CA THR C 95 14.17 9.04 -21.41
C THR C 95 13.18 10.10 -20.92
N PRO C 96 12.92 11.15 -21.73
CA PRO C 96 11.96 12.17 -21.26
C PRO C 96 10.53 11.64 -21.34
N LEU C 97 10.30 10.78 -22.32
CA LEU C 97 8.98 10.18 -22.50
C LEU C 97 8.70 9.21 -21.36
N LEU C 98 9.72 8.46 -20.94
CA LEU C 98 9.55 7.51 -19.84
C LEU C 98 9.22 8.29 -18.56
N LEU C 99 9.86 9.44 -18.39
CA LEU C 99 9.63 10.30 -17.21
C LEU C 99 8.23 10.89 -17.25
N LEU C 100 7.76 11.19 -18.46
CA LEU C 100 6.42 11.75 -18.62
C LEU C 100 5.40 10.71 -18.16
N ASP C 101 5.55 9.48 -18.66
CA ASP C 101 4.66 8.39 -18.27
C ASP C 101 4.58 8.29 -16.74
N LEU C 102 5.71 8.55 -16.05
CA LEU C 102 5.74 8.47 -14.59
C LEU C 102 5.13 9.67 -13.91
N ALA C 103 5.25 10.84 -14.53
CA ALA C 103 4.70 12.06 -13.96
C ALA C 103 3.18 12.04 -14.12
N LEU C 104 2.72 11.39 -15.18
CA LEU C 104 1.28 11.31 -15.43
C LEU C 104 0.60 10.46 -14.39
N LEU C 105 1.18 9.27 -14.12
CA LEU C 105 0.63 8.34 -13.14
C LEU C 105 0.65 8.98 -11.75
N ALA C 106 1.76 9.63 -11.40
CA ALA C 106 1.88 10.28 -10.11
C ALA C 106 1.03 11.55 -10.12
N LYS C 107 0.72 12.00 -11.33
CA LYS C 107 -0.07 13.20 -11.55
C LYS C 107 0.53 14.44 -10.86
N VAL C 108 1.81 14.71 -11.15
CA VAL C 108 2.53 15.87 -10.60
C VAL C 108 2.32 17.08 -11.51
N ASP C 109 2.85 18.23 -11.12
CA ASP C 109 2.70 19.46 -11.90
C ASP C 109 3.70 19.59 -13.04
N ARG C 110 3.63 20.71 -13.78
CA ARG C 110 4.52 20.93 -14.91
C ARG C 110 5.94 21.32 -14.50
N VAL C 111 6.08 22.07 -13.42
CA VAL C 111 7.42 22.47 -12.97
C VAL C 111 8.26 21.21 -12.77
N THR C 112 7.70 20.22 -12.10
CA THR C 112 8.39 18.96 -11.87
C THR C 112 8.71 18.29 -13.21
N ILE C 113 7.66 18.10 -14.02
CA ILE C 113 7.80 17.50 -15.35
C ILE C 113 8.93 18.22 -16.06
N GLY C 114 8.86 19.54 -16.10
CA GLY C 114 9.89 20.35 -16.74
C GLY C 114 11.29 20.06 -16.23
N THR C 115 11.43 20.07 -14.91
CA THR C 115 12.72 19.80 -14.27
C THR C 115 13.24 18.43 -14.72
N LEU C 116 12.37 17.43 -14.68
CA LEU C 116 12.71 16.06 -15.09
C LEU C 116 13.30 15.99 -16.49
N ILE C 117 12.53 16.45 -17.47
CA ILE C 117 12.98 16.44 -18.86
C ILE C 117 14.27 17.25 -18.97
N GLY C 118 14.28 18.40 -18.31
CA GLY C 118 15.42 19.29 -18.33
C GLY C 118 16.75 18.72 -17.91
N VAL C 119 16.88 18.38 -16.64
CA VAL C 119 18.11 17.81 -16.12
C VAL C 119 18.45 16.52 -16.87
N ASP C 120 17.42 15.75 -17.22
CA ASP C 120 17.60 14.50 -17.96
C ASP C 120 18.27 14.79 -19.30
N ALA C 121 17.70 15.73 -20.05
CA ALA C 121 18.24 16.11 -21.33
C ALA C 121 19.70 16.49 -21.12
N LEU C 122 19.95 17.28 -20.08
CA LEU C 122 21.30 17.72 -19.73
C LEU C 122 22.20 16.53 -19.44
N MET C 123 21.64 15.49 -18.85
CA MET C 123 22.39 14.27 -18.55
C MET C 123 22.78 13.56 -19.86
N ILE C 124 21.81 13.42 -20.76
CA ILE C 124 22.02 12.77 -22.04
C ILE C 124 23.09 13.46 -22.89
N VAL C 125 22.90 14.75 -23.15
CA VAL C 125 23.84 15.49 -23.97
C VAL C 125 25.24 15.49 -23.38
N THR C 126 25.36 15.63 -22.06
CA THR C 126 26.67 15.62 -21.45
C THR C 126 27.25 14.22 -21.59
N GLY C 127 26.37 13.21 -21.57
CA GLY C 127 26.83 11.85 -21.72
C GLY C 127 27.46 11.67 -23.08
N LEU C 128 26.82 12.26 -24.08
CA LEU C 128 27.27 12.21 -25.46
C LEU C 128 28.60 12.93 -25.69
N ILE C 129 28.79 14.06 -25.02
CA ILE C 129 30.02 14.84 -25.17
C ILE C 129 31.22 13.97 -24.73
N GLY C 130 31.09 13.35 -23.57
CA GLY C 130 32.15 12.49 -23.06
C GLY C 130 32.48 11.33 -23.98
N ALA C 131 31.46 10.76 -24.61
CA ALA C 131 31.66 9.62 -25.52
C ALA C 131 32.51 10.03 -26.71
N LEU C 132 32.52 11.32 -27.01
CA LEU C 132 33.27 11.83 -28.14
C LEU C 132 34.62 12.43 -27.73
N SER C 133 34.80 12.61 -26.42
CA SER C 133 36.04 13.19 -25.89
C SER C 133 37.26 12.38 -26.30
N LYS C 134 38.30 13.08 -26.75
CA LYS C 134 39.53 12.45 -27.21
C LYS C 134 40.52 12.28 -26.05
N THR C 135 40.16 12.80 -24.89
CA THR C 135 40.99 12.74 -23.69
C THR C 135 40.29 12.03 -22.53
N PRO C 136 41.03 11.19 -21.78
CA PRO C 136 40.46 10.47 -20.64
C PRO C 136 39.93 11.44 -19.58
N LEU C 137 40.77 12.42 -19.24
CA LEU C 137 40.41 13.45 -18.27
C LEU C 137 39.05 14.02 -18.67
N ALA C 138 38.86 14.22 -19.97
CA ALA C 138 37.60 14.76 -20.48
C ALA C 138 36.50 13.71 -20.41
N ARG C 139 36.75 12.54 -20.98
CA ARG C 139 35.74 11.48 -20.96
C ARG C 139 35.23 11.21 -19.56
N TYR C 140 36.11 11.28 -18.56
CA TYR C 140 35.67 11.03 -17.19
C TYR C 140 34.98 12.21 -16.54
N THR C 141 35.55 13.41 -16.63
CA THR C 141 34.90 14.57 -16.03
C THR C 141 33.48 14.66 -16.58
N TRP C 142 33.33 14.39 -17.88
CA TRP C 142 32.01 14.41 -18.50
C TRP C 142 31.11 13.31 -17.94
N TRP C 143 31.71 12.17 -17.57
CA TRP C 143 30.92 11.09 -16.98
C TRP C 143 30.33 11.62 -15.68
N LEU C 144 31.20 12.18 -14.85
CA LEU C 144 30.82 12.72 -13.55
C LEU C 144 29.78 13.83 -13.69
N PHE C 145 29.94 14.66 -14.72
CA PHE C 145 29.01 15.76 -14.98
C PHE C 145 27.62 15.19 -15.23
N SER C 146 27.54 14.25 -16.16
CA SER C 146 26.29 13.59 -16.52
C SER C 146 25.69 12.79 -15.36
N THR C 147 26.56 12.25 -14.50
CA THR C 147 26.11 11.47 -13.35
C THR C 147 25.40 12.33 -12.33
N ILE C 148 25.99 13.48 -12.02
CA ILE C 148 25.41 14.41 -11.06
C ILE C 148 24.01 14.79 -11.48
N ALA C 149 23.78 14.78 -12.79
CA ALA C 149 22.49 15.13 -13.34
C ALA C 149 21.50 14.02 -13.03
N PHE C 150 21.94 12.78 -13.31
CA PHE C 150 21.17 11.56 -13.09
C PHE C 150 20.69 11.39 -11.66
N LEU C 151 21.55 11.69 -10.69
CA LEU C 151 21.18 11.55 -9.29
C LEU C 151 20.01 12.46 -8.95
N PHE C 152 20.04 13.68 -9.49
CA PHE C 152 18.95 14.62 -9.23
C PHE C 152 17.62 14.09 -9.75
N VAL C 153 17.64 13.54 -10.96
CA VAL C 153 16.43 12.97 -11.53
C VAL C 153 15.97 11.88 -10.55
N LEU C 154 16.88 10.97 -10.21
CA LEU C 154 16.55 9.91 -9.27
C LEU C 154 15.95 10.49 -8.00
N TYR C 155 16.66 11.46 -7.41
CA TYR C 155 16.20 12.11 -6.19
C TYR C 155 14.75 12.59 -6.23
N TYR C 156 14.38 13.34 -7.26
CA TYR C 156 13.01 13.84 -7.36
C TYR C 156 12.05 12.72 -7.72
N LEU C 157 12.60 11.71 -8.38
CA LEU C 157 11.82 10.56 -8.80
C LEU C 157 11.48 9.75 -7.55
N LEU C 158 12.39 9.76 -6.59
CA LEU C 158 12.23 9.02 -5.36
C LEU C 158 11.48 9.79 -4.27
N THR C 159 11.52 11.11 -4.34
CA THR C 159 10.85 11.97 -3.36
C THR C 159 9.54 12.60 -3.81
N SER C 160 9.64 13.55 -4.74
CA SER C 160 8.45 14.24 -5.24
C SER C 160 7.46 13.31 -5.92
N LEU C 161 7.87 12.69 -7.02
CA LEU C 161 6.99 11.78 -7.75
C LEU C 161 6.44 10.65 -6.89
N ARG C 162 7.31 10.04 -6.09
CA ARG C 162 6.93 8.93 -5.22
C ARG C 162 5.92 9.37 -4.14
N SER C 163 6.17 10.51 -3.51
CA SER C 163 5.28 11.00 -2.47
C SER C 163 3.98 11.51 -3.05
N ALA C 164 4.07 12.22 -4.17
CA ALA C 164 2.90 12.76 -4.83
C ALA C 164 1.93 11.64 -5.21
N ALA C 165 2.45 10.62 -5.88
CA ALA C 165 1.63 9.48 -6.29
C ALA C 165 1.02 8.76 -5.10
N ALA C 166 1.67 8.86 -3.96
CA ALA C 166 1.18 8.22 -2.74
C ALA C 166 -0.19 8.75 -2.36
N LYS C 167 -0.61 9.83 -3.02
CA LYS C 167 -1.91 10.44 -2.76
C LYS C 167 -2.96 9.86 -3.71
N ARG C 168 -2.48 9.13 -4.70
CA ARG C 168 -3.36 8.50 -5.68
C ARG C 168 -4.01 7.26 -5.07
N SER C 169 -4.77 6.53 -5.88
CA SER C 169 -5.43 5.32 -5.39
C SER C 169 -4.37 4.28 -5.06
N GLU C 170 -4.80 3.11 -4.61
CA GLU C 170 -3.86 2.05 -4.26
C GLU C 170 -3.32 1.34 -5.51
N GLU C 171 -4.16 1.23 -6.54
CA GLU C 171 -3.75 0.57 -7.78
C GLU C 171 -2.84 1.48 -8.61
N VAL C 172 -2.73 2.74 -8.21
CA VAL C 172 -1.87 3.68 -8.91
C VAL C 172 -0.49 3.69 -8.26
N ARG C 173 -0.46 3.88 -6.94
CA ARG C 173 0.83 3.90 -6.25
C ARG C 173 1.57 2.59 -6.52
N SER C 174 0.84 1.48 -6.49
CA SER C 174 1.43 0.17 -6.72
C SER C 174 2.11 0.12 -8.09
N THR C 175 1.31 0.25 -9.15
CA THR C 175 1.87 0.23 -10.49
C THR C 175 3.04 1.20 -10.56
N PHE C 176 2.79 2.45 -10.20
CA PHE C 176 3.81 3.49 -10.23
C PHE C 176 5.12 3.01 -9.62
N ASN C 177 5.03 2.48 -8.40
CA ASN C 177 6.20 1.99 -7.70
C ASN C 177 6.99 0.90 -8.42
N THR C 178 6.32 0.11 -9.25
CA THR C 178 7.00 -0.95 -9.99
C THR C 178 7.80 -0.34 -11.13
N LEU C 179 7.18 0.61 -11.83
CA LEU C 179 7.81 1.29 -12.97
C LEU C 179 8.98 2.16 -12.53
N THR C 180 8.81 2.85 -11.41
CA THR C 180 9.85 3.72 -10.88
C THR C 180 11.00 2.86 -10.35
N ALA C 181 10.65 1.76 -9.70
CA ALA C 181 11.65 0.85 -9.17
C ALA C 181 12.39 0.25 -10.36
N LEU C 182 11.62 -0.17 -11.35
CA LEU C 182 12.18 -0.77 -12.56
C LEU C 182 13.17 0.20 -13.19
N VAL C 183 12.82 1.48 -13.19
CA VAL C 183 13.65 2.52 -13.77
C VAL C 183 14.85 2.89 -12.90
N ALA C 184 14.62 3.07 -11.60
CA ALA C 184 15.69 3.43 -10.69
C ALA C 184 16.87 2.47 -10.77
N VAL C 185 16.59 1.20 -11.07
CA VAL C 185 17.62 0.19 -11.15
C VAL C 185 18.20 0.01 -12.54
N LEU C 186 17.33 -0.15 -13.54
CA LEU C 186 17.84 -0.32 -14.90
C LEU C 186 18.67 0.87 -15.32
N TRP C 187 18.24 2.06 -14.91
CA TRP C 187 18.93 3.29 -15.26
C TRP C 187 20.35 3.35 -14.69
N THR C 188 20.46 3.16 -13.37
CA THR C 188 21.75 3.18 -12.69
C THR C 188 22.77 2.32 -13.42
N ALA C 189 22.26 1.28 -14.11
CA ALA C 189 23.09 0.35 -14.84
C ALA C 189 23.70 0.95 -16.12
N TYR C 190 23.09 1.98 -16.68
CA TYR C 190 23.64 2.58 -17.90
C TYR C 190 25.00 3.25 -17.65
N PRO C 191 25.09 4.15 -16.68
CA PRO C 191 26.39 4.78 -16.43
C PRO C 191 27.46 3.75 -16.08
N ILE C 192 27.10 2.77 -15.26
CA ILE C 192 28.04 1.73 -14.87
C ILE C 192 28.62 1.07 -16.11
N LEU C 193 27.74 0.60 -16.98
CA LEU C 193 28.14 -0.07 -18.22
C LEU C 193 28.99 0.88 -19.05
N TRP C 194 28.74 2.17 -18.90
CA TRP C 194 29.46 3.20 -19.64
C TRP C 194 30.91 3.29 -19.19
N ILE C 195 31.10 3.60 -17.90
CA ILE C 195 32.43 3.77 -17.35
C ILE C 195 33.29 2.50 -17.28
N VAL C 196 32.68 1.34 -17.49
CA VAL C 196 33.43 0.08 -17.49
C VAL C 196 33.48 -0.45 -18.92
N GLY C 197 32.81 0.24 -19.83
CA GLY C 197 32.76 -0.19 -21.23
C GLY C 197 33.85 0.39 -22.12
N THR C 198 33.57 0.41 -23.42
CA THR C 198 34.51 0.91 -24.42
C THR C 198 34.60 2.44 -24.37
N GLU C 199 33.69 3.06 -23.64
CA GLU C 199 33.66 4.51 -23.51
C GLU C 199 34.47 4.95 -22.30
N GLY C 200 34.77 3.99 -21.42
CA GLY C 200 35.52 4.29 -20.22
C GLY C 200 36.76 3.43 -20.06
N ALA C 201 36.85 2.71 -18.93
CA ALA C 201 37.97 1.83 -18.63
C ALA C 201 38.26 0.84 -19.76
N GLY C 202 37.21 0.23 -20.29
CA GLY C 202 37.37 -0.71 -21.38
C GLY C 202 37.43 -2.18 -21.02
N VAL C 203 37.12 -2.52 -19.78
CA VAL C 203 37.15 -3.91 -19.35
C VAL C 203 36.11 -4.73 -20.11
N VAL C 204 35.03 -4.07 -20.52
CA VAL C 204 33.96 -4.74 -21.25
C VAL C 204 34.10 -4.53 -22.76
N GLY C 205 34.09 -5.63 -23.51
CA GLY C 205 34.22 -5.56 -24.95
C GLY C 205 32.99 -4.96 -25.61
N LEU C 206 33.15 -4.48 -26.84
CA LEU C 206 32.05 -3.87 -27.58
C LEU C 206 30.85 -4.80 -27.61
N GLY C 207 31.09 -6.07 -27.94
CA GLY C 207 30.03 -7.06 -28.01
C GLY C 207 29.20 -7.26 -26.76
N ILE C 208 29.84 -7.50 -25.62
CA ILE C 208 29.14 -7.70 -24.36
C ILE C 208 28.34 -6.44 -24.06
N GLU C 209 29.02 -5.31 -24.22
CA GLU C 209 28.44 -3.99 -23.99
C GLU C 209 27.19 -3.85 -24.84
N THR C 210 27.35 -3.98 -26.16
CA THR C 210 26.23 -3.85 -27.09
C THR C 210 25.07 -4.79 -26.71
N LEU C 211 25.40 -6.00 -26.24
CA LEU C 211 24.35 -6.93 -25.83
C LEU C 211 23.74 -6.40 -24.56
N ALA C 212 24.60 -5.95 -23.66
CA ALA C 212 24.14 -5.38 -22.40
C ALA C 212 23.10 -4.31 -22.69
N PHE C 213 23.49 -3.25 -23.40
CA PHE C 213 22.57 -2.16 -23.76
C PHE C 213 21.34 -2.70 -24.46
N MET C 214 21.55 -3.74 -25.26
CA MET C 214 20.46 -4.36 -25.98
C MET C 214 19.45 -4.94 -25.00
N VAL C 215 19.93 -5.56 -23.93
CA VAL C 215 19.04 -6.15 -22.93
C VAL C 215 18.46 -5.04 -22.04
N LEU C 216 19.26 -4.02 -21.81
CA LEU C 216 18.84 -2.89 -20.98
C LEU C 216 17.76 -2.02 -21.62
N ASP C 217 17.81 -1.90 -22.94
CA ASP C 217 16.82 -1.10 -23.65
C ASP C 217 15.48 -1.82 -23.74
N VAL C 218 15.51 -3.06 -24.22
CA VAL C 218 14.28 -3.82 -24.37
C VAL C 218 13.51 -3.87 -23.05
N THR C 219 14.25 -3.94 -21.94
CA THR C 219 13.62 -4.02 -20.64
C THR C 219 13.09 -2.68 -20.15
N ALA C 220 13.82 -1.61 -20.46
CA ALA C 220 13.39 -0.28 -20.05
C ALA C 220 12.33 0.23 -21.01
N LYS C 221 12.30 -0.34 -22.22
CA LYS C 221 11.32 0.05 -23.22
C LYS C 221 10.10 -0.86 -23.17
N VAL C 222 10.09 -1.89 -24.03
CA VAL C 222 8.99 -2.82 -24.11
C VAL C 222 8.65 -3.39 -22.73
N GLY C 223 9.68 -3.72 -21.95
CA GLY C 223 9.43 -4.24 -20.62
C GLY C 223 8.63 -3.23 -19.82
N PHE C 224 9.23 -2.06 -19.60
CA PHE C 224 8.60 -0.98 -18.85
C PHE C 224 7.20 -0.77 -19.40
N GLY C 225 7.11 -0.50 -20.69
CA GLY C 225 5.83 -0.26 -21.34
C GLY C 225 4.81 -1.36 -21.15
N PHE C 226 5.25 -2.61 -21.15
CA PHE C 226 4.31 -3.73 -21.00
C PHE C 226 3.68 -3.77 -19.62
N VAL C 227 4.41 -3.32 -18.61
CA VAL C 227 3.88 -3.30 -17.25
C VAL C 227 2.91 -2.13 -17.14
N LEU C 228 3.28 -1.02 -17.78
CA LEU C 228 2.43 0.17 -17.76
C LEU C 228 1.09 -0.14 -18.44
N LEU C 229 1.13 -0.33 -19.75
CA LEU C 229 -0.07 -0.59 -20.53
C LEU C 229 -0.93 -1.75 -20.04
N ARG C 230 -0.31 -2.67 -19.28
CA ARG C 230 -1.03 -3.83 -18.75
C ARG C 230 -1.78 -3.48 -17.46
N SER C 231 -1.33 -2.43 -16.77
CA SER C 231 -1.93 -2.01 -15.50
C SER C 231 -3.32 -1.38 -15.58
N ARG C 232 -4.05 -1.46 -14.48
CA ARG C 232 -5.39 -0.89 -14.38
C ARG C 232 -5.29 0.54 -13.86
N ALA C 233 -4.07 1.00 -13.62
CA ALA C 233 -3.81 2.35 -13.12
C ALA C 233 -3.92 3.40 -14.22
N ILE C 234 -3.87 2.94 -15.47
CA ILE C 234 -3.95 3.83 -16.62
C ILE C 234 -5.38 4.02 -17.12
N LEU C 235 -6.25 3.06 -16.84
CA LEU C 235 -7.63 3.15 -17.31
C LEU C 235 -8.53 4.02 -16.44
N GLY C 236 -8.92 5.17 -17.00
CA GLY C 236 -9.79 6.09 -16.29
C GLY C 236 -9.15 6.67 -15.04
N GLU C 237 -9.96 6.84 -14.00
CA GLU C 237 -9.51 7.38 -12.72
C GLU C 237 -8.82 8.73 -12.88
N THR C 238 -9.55 9.80 -12.58
CA THR C 238 -9.01 11.15 -12.69
C THR C 238 -8.28 11.56 -11.41
N GLU C 239 -7.72 12.76 -11.43
CA GLU C 239 -6.97 13.30 -10.29
C GLU C 239 -7.80 13.30 -8.99
N ALA C 240 -7.38 12.49 -8.01
CA ALA C 240 -8.08 12.41 -6.74
C ALA C 240 -7.20 11.99 -5.56
N PRO C 241 -6.80 12.96 -4.72
CA PRO C 241 -5.97 12.70 -3.54
C PRO C 241 -6.70 13.02 -2.23
N GLN D 1 -7.33 10.70 8.04
CA GLN D 1 -6.45 9.49 8.09
C GLN D 1 -7.17 8.18 7.79
N ALA D 2 -8.20 7.87 8.59
CA ALA D 2 -8.95 6.63 8.41
C ALA D 2 -9.81 6.61 7.16
N GLY D 3 -10.66 5.58 7.06
CA GLY D 3 -11.55 5.43 5.94
C GLY D 3 -11.08 4.37 4.96
N PHE D 4 -11.67 4.33 3.77
CA PHE D 4 -11.28 3.37 2.75
C PHE D 4 -11.80 3.79 1.37
N ASP D 5 -10.89 3.72 0.40
CA ASP D 5 -11.15 4.09 -1.00
C ASP D 5 -12.17 3.22 -1.72
N LEU D 6 -13.45 3.48 -1.46
CA LEU D 6 -14.55 2.73 -2.06
C LEU D 6 -14.68 2.90 -3.58
N LEU D 7 -14.34 4.08 -4.08
CA LEU D 7 -14.45 4.34 -5.52
C LEU D 7 -13.12 4.21 -6.24
N ASN D 8 -12.12 3.68 -5.54
CA ASN D 8 -10.80 3.50 -6.13
C ASN D 8 -10.38 4.81 -6.81
N ASP D 9 -10.32 5.88 -6.02
CA ASP D 9 -9.96 7.20 -6.50
C ASP D 9 -8.76 7.76 -5.74
N GLY D 10 -8.55 7.24 -4.54
CA GLY D 10 -7.47 7.74 -3.72
C GLY D 10 -8.08 8.63 -2.68
N ARG D 11 -9.37 8.41 -2.40
CA ARG D 11 -10.09 9.21 -1.41
C ARG D 11 -10.58 8.33 -0.27
N PRO D 12 -9.68 7.96 0.65
CA PRO D 12 -10.11 7.12 1.78
C PRO D 12 -11.14 7.78 2.69
N GLU D 13 -11.97 8.65 2.12
CA GLU D 13 -13.01 9.31 2.90
C GLU D 13 -14.39 8.97 2.37
N THR D 14 -14.46 8.29 1.24
CA THR D 14 -15.76 7.93 0.68
C THR D 14 -16.48 6.90 1.55
N LEU D 15 -15.77 6.35 2.52
CA LEU D 15 -16.35 5.37 3.44
C LEU D 15 -17.32 6.15 4.34
N TRP D 16 -16.82 7.21 4.95
CA TRP D 16 -17.63 8.05 5.84
C TRP D 16 -18.79 8.68 5.08
N LEU D 17 -18.51 9.12 3.86
CA LEU D 17 -19.52 9.73 3.00
C LEU D 17 -20.52 8.67 2.55
N GLY D 18 -20.02 7.47 2.26
CA GLY D 18 -20.91 6.40 1.85
C GLY D 18 -21.85 6.09 3.00
N ILE D 19 -21.29 5.77 4.15
CA ILE D 19 -22.09 5.45 5.34
C ILE D 19 -22.98 6.64 5.67
N GLY D 20 -22.44 7.84 5.49
CA GLY D 20 -23.21 9.04 5.75
C GLY D 20 -24.41 9.06 4.83
N THR D 21 -24.17 8.89 3.54
CA THR D 21 -25.24 8.88 2.53
C THR D 21 -26.41 7.99 2.96
N LEU D 22 -26.11 6.71 3.17
CA LEU D 22 -27.14 5.76 3.57
C LEU D 22 -27.96 6.16 4.80
N LEU D 23 -27.28 6.62 5.85
CA LEU D 23 -27.98 7.00 7.07
C LEU D 23 -29.01 8.10 6.83
N MET D 24 -28.66 9.06 5.98
CA MET D 24 -29.56 10.16 5.67
C MET D 24 -30.76 9.72 4.83
N LEU D 25 -30.51 8.82 3.88
CA LEU D 25 -31.55 8.29 3.00
C LEU D 25 -32.63 7.54 3.77
N ILE D 26 -32.20 6.60 4.62
CA ILE D 26 -33.14 5.81 5.41
C ILE D 26 -33.76 6.69 6.48
N GLY D 27 -33.04 7.75 6.83
CA GLY D 27 -33.54 8.68 7.82
C GLY D 27 -34.67 9.44 7.17
N THR D 28 -34.54 9.62 5.86
CA THR D 28 -35.56 10.33 5.08
C THR D 28 -36.78 9.42 4.95
N PHE D 29 -36.57 8.22 4.40
CA PHE D 29 -37.66 7.28 4.23
C PHE D 29 -38.31 6.89 5.56
N TYR D 30 -37.52 6.86 6.62
CA TYR D 30 -38.07 6.49 7.92
C TYR D 30 -39.09 7.49 8.45
N PHE D 31 -38.80 8.78 8.30
CA PHE D 31 -39.72 9.81 8.75
C PHE D 31 -40.91 9.81 7.81
N ILE D 32 -40.65 9.53 6.54
CA ILE D 32 -41.68 9.47 5.52
C ILE D 32 -42.73 8.42 5.85
N ALA D 33 -42.29 7.19 6.05
CA ALA D 33 -43.19 6.08 6.37
C ALA D 33 -43.93 6.33 7.67
N ARG D 34 -43.22 6.87 8.65
CA ARG D 34 -43.78 7.15 9.97
C ARG D 34 -44.67 8.40 9.95
N GLY D 35 -44.80 9.01 8.78
CA GLY D 35 -45.61 10.19 8.65
C GLY D 35 -46.71 10.04 7.62
N TRP D 36 -46.70 8.90 6.92
CA TRP D 36 -47.70 8.64 5.88
C TRP D 36 -49.13 8.60 6.41
N GLY D 37 -49.27 8.48 7.74
CA GLY D 37 -50.59 8.43 8.33
C GLY D 37 -50.93 9.64 9.17
N VAL D 38 -50.05 10.64 9.16
CA VAL D 38 -50.25 11.86 9.92
C VAL D 38 -51.22 12.83 9.24
N THR D 39 -52.26 13.22 9.98
CA THR D 39 -53.26 14.15 9.48
C THR D 39 -53.25 15.46 10.25
N ASP D 40 -52.64 15.44 11.44
CA ASP D 40 -52.55 16.62 12.29
C ASP D 40 -51.99 17.80 11.48
N LYS D 41 -52.87 18.71 11.09
CA LYS D 41 -52.50 19.89 10.29
C LYS D 41 -51.20 20.55 10.72
N GLU D 42 -50.91 20.52 12.02
CA GLU D 42 -49.70 21.12 12.56
C GLU D 42 -48.50 20.18 12.48
N ALA D 43 -48.77 18.89 12.64
CA ALA D 43 -47.72 17.88 12.59
C ALA D 43 -47.26 17.59 11.17
N ARG D 44 -48.20 17.55 10.24
CA ARG D 44 -47.87 17.30 8.84
C ARG D 44 -46.95 18.40 8.29
N GLU D 45 -46.75 19.44 9.09
CA GLU D 45 -45.88 20.54 8.71
C GLU D 45 -44.50 20.27 9.31
N TYR D 46 -44.50 19.86 10.58
CA TYR D 46 -43.26 19.54 11.27
C TYR D 46 -42.53 18.48 10.45
N TYR D 47 -43.24 17.40 10.14
CA TYR D 47 -42.69 16.29 9.38
C TYR D 47 -42.17 16.71 8.00
N ALA D 48 -42.86 17.67 7.37
CA ALA D 48 -42.45 18.15 6.07
C ALA D 48 -41.02 18.66 6.14
N ILE D 49 -40.80 19.60 7.04
CA ILE D 49 -39.49 20.20 7.23
C ILE D 49 -38.47 19.14 7.65
N THR D 50 -38.77 18.42 8.72
CA THR D 50 -37.88 17.39 9.24
C THR D 50 -37.47 16.33 8.21
N ILE D 51 -38.37 15.97 7.31
CA ILE D 51 -38.05 14.97 6.29
C ILE D 51 -37.11 15.53 5.21
N LEU D 52 -37.43 16.72 4.71
CA LEU D 52 -36.62 17.35 3.67
C LEU D 52 -35.18 17.63 4.07
N VAL D 53 -34.95 17.89 5.36
CA VAL D 53 -33.59 18.17 5.82
C VAL D 53 -32.63 17.00 5.58
N PRO D 54 -32.95 15.80 6.10
CA PRO D 54 -32.04 14.69 5.87
C PRO D 54 -32.08 14.25 4.40
N GLY D 55 -33.22 14.48 3.76
CA GLY D 55 -33.38 14.12 2.36
C GLY D 55 -32.33 14.77 1.48
N ILE D 56 -32.21 16.10 1.56
CA ILE D 56 -31.23 16.84 0.78
C ILE D 56 -29.81 16.45 1.21
N ALA D 57 -29.63 16.24 2.51
CA ALA D 57 -28.32 15.86 3.04
C ALA D 57 -27.83 14.65 2.25
N SER D 58 -28.76 13.77 1.91
CA SER D 58 -28.46 12.57 1.14
C SER D 58 -27.80 12.97 -0.17
N ALA D 59 -28.40 13.95 -0.83
CA ALA D 59 -27.93 14.45 -2.10
C ALA D 59 -26.49 14.94 -2.02
N ALA D 60 -26.24 15.92 -1.16
CA ALA D 60 -24.90 16.48 -1.00
C ALA D 60 -23.91 15.38 -0.62
N TYR D 61 -24.37 14.42 0.18
CA TYR D 61 -23.51 13.31 0.59
C TYR D 61 -23.19 12.37 -0.56
N LEU D 62 -24.20 11.94 -1.30
CA LEU D 62 -23.98 11.04 -2.44
C LEU D 62 -23.14 11.78 -3.48
N ALA D 63 -23.29 13.11 -3.51
CA ALA D 63 -22.54 13.94 -4.43
C ALA D 63 -21.07 13.91 -4.01
N MET D 64 -20.82 14.22 -2.74
CA MET D 64 -19.46 14.21 -2.20
C MET D 64 -18.90 12.79 -2.33
N PHE D 65 -19.77 11.80 -2.17
CA PHE D 65 -19.37 10.42 -2.29
C PHE D 65 -18.77 10.17 -3.66
N PHE D 66 -19.58 10.40 -4.69
CA PHE D 66 -19.16 10.17 -6.07
C PHE D 66 -17.93 10.96 -6.52
N GLY D 67 -17.64 12.07 -5.85
CA GLY D 67 -16.48 12.86 -6.22
C GLY D 67 -16.91 14.20 -6.77
N ILE D 68 -18.13 14.24 -7.26
CA ILE D 68 -18.74 15.43 -7.84
C ILE D 68 -18.71 16.62 -6.88
N GLY D 69 -19.01 16.36 -5.60
CA GLY D 69 -19.06 17.42 -4.62
C GLY D 69 -17.72 17.91 -4.08
N VAL D 70 -16.62 17.53 -4.75
CA VAL D 70 -15.30 17.95 -4.30
C VAL D 70 -14.63 18.81 -5.36
N THR D 71 -13.75 19.69 -4.92
CA THR D 71 -13.02 20.58 -5.82
C THR D 71 -11.64 20.85 -5.25
N GLU D 72 -10.64 20.97 -6.12
CA GLU D 72 -9.28 21.24 -5.69
C GLU D 72 -8.96 22.74 -5.68
N VAL D 73 -8.51 23.24 -4.55
CA VAL D 73 -8.16 24.66 -4.43
C VAL D 73 -6.69 24.83 -4.05
N GLU D 74 -5.91 25.38 -4.97
CA GLU D 74 -4.50 25.60 -4.74
C GLU D 74 -4.31 26.95 -4.02
N LEU D 75 -3.53 26.92 -2.94
CA LEU D 75 -3.26 28.09 -2.12
C LEU D 75 -2.38 29.07 -2.91
N ALA D 76 -1.77 30.02 -2.20
CA ALA D 76 -0.88 31.00 -2.83
C ALA D 76 0.55 30.47 -2.78
N SER D 77 0.69 29.29 -2.19
CA SER D 77 1.99 28.64 -2.05
C SER D 77 2.10 27.41 -2.94
N GLY D 78 1.01 27.05 -3.61
CA GLY D 78 1.03 25.90 -4.48
C GLY D 78 0.47 24.65 -3.80
N THR D 79 -0.22 24.86 -2.68
CA THR D 79 -0.81 23.76 -1.95
C THR D 79 -2.25 23.58 -2.36
N VAL D 80 -2.59 22.38 -2.81
CA VAL D 80 -3.96 22.09 -3.22
C VAL D 80 -4.74 21.55 -2.03
N LEU D 81 -5.96 22.02 -1.86
CA LEU D 81 -6.80 21.55 -0.76
C LEU D 81 -8.05 20.92 -1.36
N ASP D 82 -8.38 19.73 -0.88
CA ASP D 82 -9.57 19.03 -1.35
C ASP D 82 -10.74 19.65 -0.61
N ILE D 83 -11.53 20.47 -1.29
CA ILE D 83 -12.65 21.13 -0.65
C ILE D 83 -14.00 20.51 -0.99
N TYR D 84 -14.67 20.01 0.04
CA TYR D 84 -15.99 19.42 -0.11
C TYR D 84 -17.04 20.52 0.10
N TYR D 85 -17.16 21.36 -0.92
CA TYR D 85 -18.09 22.50 -0.92
C TYR D 85 -19.56 22.14 -0.84
N ALA D 86 -19.91 20.91 -1.20
CA ALA D 86 -21.29 20.46 -1.15
C ALA D 86 -21.87 20.64 0.26
N ARG D 87 -21.00 20.50 1.26
CA ARG D 87 -21.42 20.64 2.65
C ARG D 87 -22.14 21.96 2.85
N TYR D 88 -21.60 23.02 2.24
CA TYR D 88 -22.20 24.34 2.38
C TYR D 88 -23.54 24.45 1.67
N ALA D 89 -23.58 24.05 0.39
CA ALA D 89 -24.82 24.10 -0.39
C ALA D 89 -25.88 23.29 0.36
N ASP D 90 -25.41 22.26 1.05
CA ASP D 90 -26.31 21.43 1.84
C ASP D 90 -26.86 22.30 2.95
N TRP D 91 -25.95 22.90 3.73
CA TRP D 91 -26.33 23.73 4.87
C TRP D 91 -27.13 24.98 4.53
N LEU D 92 -26.86 25.60 3.39
CA LEU D 92 -27.58 26.80 3.01
C LEU D 92 -29.09 26.59 3.17
N PHE D 93 -29.53 25.34 3.04
CA PHE D 93 -30.95 25.03 3.13
C PHE D 93 -31.32 24.08 4.27
N THR D 94 -30.34 23.31 4.75
CA THR D 94 -30.61 22.37 5.83
C THR D 94 -30.66 23.04 7.20
N THR D 95 -29.84 24.07 7.40
CA THR D 95 -29.82 24.77 8.67
C THR D 95 -31.02 25.71 8.84
N PRO D 96 -31.45 26.40 7.76
CA PRO D 96 -32.60 27.28 7.95
C PRO D 96 -33.80 26.45 8.38
N LEU D 97 -34.06 25.38 7.63
CA LEU D 97 -35.18 24.49 7.92
C LEU D 97 -35.17 24.00 9.37
N LEU D 98 -34.03 23.48 9.82
CA LEU D 98 -33.89 23.00 11.20
C LEU D 98 -34.18 24.14 12.18
N LEU D 99 -33.62 25.31 11.91
CA LEU D 99 -33.84 26.47 12.76
C LEU D 99 -35.32 26.85 12.73
N LEU D 100 -35.98 26.57 11.60
CA LEU D 100 -37.40 26.86 11.42
C LEU D 100 -38.20 26.00 12.39
N ASP D 101 -37.75 24.77 12.60
CA ASP D 101 -38.41 23.88 13.54
C ASP D 101 -38.41 24.57 14.90
N LEU D 102 -37.27 25.15 15.27
CA LEU D 102 -37.13 25.84 16.56
C LEU D 102 -37.98 27.11 16.63
N ALA D 103 -38.40 27.62 15.47
CA ALA D 103 -39.21 28.82 15.42
C ALA D 103 -40.69 28.51 15.65
N LEU D 104 -41.24 27.62 14.82
CA LEU D 104 -42.63 27.23 14.93
C LEU D 104 -42.86 26.64 16.32
N LEU D 105 -41.92 25.81 16.76
CA LEU D 105 -42.02 25.18 18.06
C LEU D 105 -42.14 26.23 19.16
N ALA D 106 -41.34 27.29 19.07
CA ALA D 106 -41.37 28.35 20.05
C ALA D 106 -42.50 29.35 19.74
N LYS D 107 -43.08 29.22 18.56
CA LYS D 107 -44.19 30.08 18.14
C LYS D 107 -43.84 31.57 18.07
N VAL D 108 -42.86 31.93 17.23
CA VAL D 108 -42.46 33.32 17.08
C VAL D 108 -43.02 33.96 15.80
N ASP D 109 -43.01 35.29 15.75
CA ASP D 109 -43.50 36.02 14.60
C ASP D 109 -42.73 35.69 13.32
N ARG D 110 -43.00 36.44 12.25
CA ARG D 110 -42.33 36.21 10.97
C ARG D 110 -41.07 37.05 10.80
N VAL D 111 -40.58 37.62 11.89
CA VAL D 111 -39.38 38.43 11.82
C VAL D 111 -38.26 37.76 12.59
N THR D 112 -38.64 36.86 13.50
CA THR D 112 -37.67 36.11 14.30
C THR D 112 -37.09 35.04 13.39
N ILE D 113 -37.95 34.47 12.56
CA ILE D 113 -37.57 33.42 11.63
C ILE D 113 -36.72 34.05 10.53
N GLY D 114 -37.21 35.16 9.97
CA GLY D 114 -36.50 35.84 8.92
C GLY D 114 -35.10 36.22 9.38
N THR D 115 -34.99 36.77 10.59
CA THR D 115 -33.70 37.15 11.12
C THR D 115 -32.81 35.92 11.16
N LEU D 116 -33.36 34.81 11.65
CA LEU D 116 -32.63 33.54 11.73
C LEU D 116 -32.18 33.05 10.36
N ILE D 117 -33.14 32.85 9.46
CA ILE D 117 -32.80 32.38 8.12
C ILE D 117 -31.82 33.37 7.47
N GLY D 118 -32.15 34.65 7.54
CA GLY D 118 -31.30 35.67 6.95
C GLY D 118 -29.87 35.61 7.42
N VAL D 119 -29.66 35.70 8.73
CA VAL D 119 -28.31 35.66 9.30
C VAL D 119 -27.62 34.33 9.06
N ASP D 120 -28.34 33.23 9.35
CA ASP D 120 -27.82 31.89 9.17
C ASP D 120 -27.41 31.64 7.72
N ALA D 121 -28.06 32.31 6.78
CA ALA D 121 -27.75 32.17 5.35
C ALA D 121 -26.44 32.86 5.05
N LEU D 122 -26.23 34.05 5.63
CA LEU D 122 -24.98 34.77 5.40
C LEU D 122 -23.82 34.00 6.04
N MET D 123 -24.10 33.29 7.12
CA MET D 123 -23.07 32.50 7.80
C MET D 123 -22.52 31.36 6.93
N ILE D 124 -23.42 30.59 6.32
CA ILE D 124 -23.00 29.47 5.48
C ILE D 124 -22.22 29.91 4.25
N VAL D 125 -22.64 31.02 3.64
CA VAL D 125 -21.97 31.54 2.46
C VAL D 125 -20.58 32.01 2.81
N THR D 126 -20.49 32.76 3.92
CA THR D 126 -19.21 33.25 4.38
C THR D 126 -18.35 32.05 4.72
N GLY D 127 -19.01 30.98 5.15
CA GLY D 127 -18.29 29.76 5.46
C GLY D 127 -17.69 29.23 4.17
N LEU D 128 -18.52 29.12 3.14
CA LEU D 128 -18.05 28.63 1.84
C LEU D 128 -16.89 29.47 1.30
N ILE D 129 -17.08 30.78 1.19
CA ILE D 129 -16.04 31.66 0.69
C ILE D 129 -14.69 31.43 1.35
N GLY D 130 -14.69 31.34 2.68
CA GLY D 130 -13.45 31.10 3.41
C GLY D 130 -12.85 29.76 3.00
N ALA D 131 -13.72 28.77 2.79
CA ALA D 131 -13.28 27.42 2.40
C ALA D 131 -12.65 27.42 1.02
N LEU D 132 -13.12 28.31 0.15
CA LEU D 132 -12.59 28.39 -1.21
C LEU D 132 -11.59 29.52 -1.39
N SER D 133 -11.04 30.02 -0.28
CA SER D 133 -10.08 31.12 -0.34
C SER D 133 -8.64 30.65 -0.55
N LYS D 134 -7.96 31.32 -1.47
CA LYS D 134 -6.57 30.98 -1.78
C LYS D 134 -5.64 31.77 -0.84
N THR D 135 -6.23 32.60 0.00
CA THR D 135 -5.49 33.43 0.92
C THR D 135 -5.63 32.90 2.35
N PRO D 136 -4.50 32.61 3.02
CA PRO D 136 -4.57 32.11 4.40
C PRO D 136 -5.15 33.16 5.35
N LEU D 137 -5.10 34.42 4.93
CA LEU D 137 -5.63 35.51 5.72
C LEU D 137 -7.14 35.56 5.53
N ALA D 138 -7.57 35.28 4.30
CA ALA D 138 -8.98 35.28 3.96
C ALA D 138 -9.70 34.16 4.69
N ARG D 139 -9.18 32.94 4.55
CA ARG D 139 -9.77 31.78 5.19
C ARG D 139 -10.14 32.07 6.64
N TYR D 140 -9.22 32.71 7.36
CA TYR D 140 -9.45 33.03 8.76
C TYR D 140 -10.32 34.26 8.99
N THR D 141 -10.24 35.23 8.08
CA THR D 141 -11.07 36.42 8.20
C THR D 141 -12.50 35.95 8.01
N TRP D 142 -12.73 35.20 6.94
CA TRP D 142 -14.05 34.68 6.64
C TRP D 142 -14.55 33.77 7.75
N TRP D 143 -13.66 32.98 8.34
CA TRP D 143 -14.03 32.09 9.43
C TRP D 143 -14.65 32.95 10.54
N LEU D 144 -13.87 33.92 11.00
CA LEU D 144 -14.31 34.82 12.05
C LEU D 144 -15.60 35.53 11.62
N PHE D 145 -15.67 35.89 10.35
CA PHE D 145 -16.85 36.55 9.80
C PHE D 145 -18.09 35.68 9.98
N SER D 146 -17.95 34.40 9.65
CA SER D 146 -19.05 33.44 9.76
C SER D 146 -19.33 33.12 11.23
N THR D 147 -18.30 33.18 12.07
CA THR D 147 -18.46 32.89 13.49
C THR D 147 -19.29 33.93 14.21
N ILE D 148 -19.21 35.19 13.78
CA ILE D 148 -19.99 36.23 14.42
C ILE D 148 -21.47 35.99 14.12
N ALA D 149 -21.77 35.74 12.85
CA ALA D 149 -23.12 35.47 12.42
C ALA D 149 -23.67 34.30 13.23
N PHE D 150 -22.78 33.38 13.61
CA PHE D 150 -23.16 32.22 14.39
C PHE D 150 -23.47 32.64 15.82
N LEU D 151 -22.92 33.78 16.24
CA LEU D 151 -23.16 34.30 17.57
C LEU D 151 -24.56 34.88 17.68
N PHE D 152 -24.96 35.62 16.64
CA PHE D 152 -26.29 36.20 16.64
C PHE D 152 -27.32 35.08 16.65
N VAL D 153 -27.14 34.10 15.77
CA VAL D 153 -28.05 32.97 15.67
C VAL D 153 -28.31 32.35 17.04
N LEU D 154 -27.26 31.87 17.69
CA LEU D 154 -27.39 31.27 19.00
C LEU D 154 -27.90 32.29 20.01
N TYR D 155 -27.56 33.55 19.80
CA TYR D 155 -28.01 34.60 20.70
C TYR D 155 -29.54 34.61 20.75
N TYR D 156 -30.15 35.01 19.64
CA TYR D 156 -31.61 35.07 19.56
C TYR D 156 -32.21 33.68 19.81
N LEU D 157 -31.37 32.66 19.75
CA LEU D 157 -31.82 31.29 19.98
C LEU D 157 -31.93 31.01 21.47
N LEU D 158 -30.91 31.41 22.21
CA LEU D 158 -30.86 31.20 23.65
C LEU D 158 -31.63 32.27 24.39
N THR D 159 -32.01 33.32 23.66
CA THR D 159 -32.77 34.41 24.26
C THR D 159 -34.19 34.44 23.71
N SER D 160 -34.38 35.14 22.60
CA SER D 160 -35.68 35.27 21.96
C SER D 160 -36.46 33.96 21.87
N LEU D 161 -35.94 32.99 21.13
CA LEU D 161 -36.60 31.70 20.97
C LEU D 161 -36.70 30.92 22.28
N ARG D 162 -36.04 31.41 23.33
CA ARG D 162 -36.06 30.75 24.62
C ARG D 162 -37.20 31.29 25.48
N SER D 163 -37.69 32.48 25.14
CA SER D 163 -38.76 33.12 25.89
C SER D 163 -40.14 32.59 25.49
N ALA D 164 -40.41 32.62 24.18
CA ALA D 164 -41.70 32.16 23.66
C ALA D 164 -41.81 30.66 23.67
N ALA D 165 -40.71 29.98 24.00
CA ALA D 165 -40.68 28.53 24.05
C ALA D 165 -41.31 28.01 25.33
N ALA D 166 -41.00 28.66 26.45
CA ALA D 166 -41.53 28.25 27.74
C ALA D 166 -42.94 28.79 27.97
N LYS D 167 -43.28 29.89 27.32
CA LYS D 167 -44.62 30.48 27.49
C LYS D 167 -45.69 29.47 27.11
N ARG D 168 -45.44 28.70 26.05
CA ARG D 168 -46.38 27.69 25.61
C ARG D 168 -46.42 26.57 26.63
N SER D 169 -46.94 25.41 26.25
CA SER D 169 -47.01 24.28 27.16
C SER D 169 -45.63 23.92 27.69
N GLU D 170 -45.58 23.02 28.66
CA GLU D 170 -44.32 22.57 29.23
C GLU D 170 -43.80 21.40 28.41
N GLU D 171 -44.71 20.53 27.99
CA GLU D 171 -44.32 19.38 27.19
C GLU D 171 -43.66 19.85 25.89
N VAL D 172 -44.08 21.02 25.42
CA VAL D 172 -43.53 21.59 24.19
C VAL D 172 -42.16 22.21 24.45
N ARG D 173 -42.09 23.06 25.47
CA ARG D 173 -40.84 23.73 25.82
C ARG D 173 -39.74 22.72 26.16
N SER D 174 -40.12 21.60 26.76
CA SER D 174 -39.17 20.57 27.15
C SER D 174 -38.46 19.96 25.93
N THR D 175 -39.23 19.65 24.89
CA THR D 175 -38.66 19.09 23.67
C THR D 175 -37.77 20.15 23.05
N PHE D 176 -38.25 21.39 23.08
CA PHE D 176 -37.50 22.51 22.54
C PHE D 176 -36.10 22.51 23.17
N ASN D 177 -36.05 22.67 24.48
CA ASN D 177 -34.78 22.69 25.21
C ASN D 177 -33.90 21.46 25.03
N THR D 178 -34.47 20.39 24.46
CA THR D 178 -33.70 19.16 24.23
C THR D 178 -33.00 19.25 22.87
N LEU D 179 -33.62 19.97 21.95
CA LEU D 179 -33.08 20.14 20.61
C LEU D 179 -32.21 21.40 20.60
N THR D 180 -32.57 22.36 21.43
CA THR D 180 -31.83 23.62 21.51
C THR D 180 -30.42 23.36 22.02
N ALA D 181 -30.32 22.64 23.14
CA ALA D 181 -29.02 22.31 23.71
C ALA D 181 -28.31 21.45 22.67
N LEU D 182 -29.10 20.64 21.98
CA LEU D 182 -28.60 19.74 20.94
C LEU D 182 -28.01 20.56 19.80
N VAL D 183 -28.66 21.66 19.46
CA VAL D 183 -28.20 22.55 18.41
C VAL D 183 -26.97 23.33 18.83
N ALA D 184 -27.03 23.93 20.01
CA ALA D 184 -25.92 24.72 20.54
C ALA D 184 -24.68 23.88 20.85
N VAL D 185 -24.88 22.58 21.08
CA VAL D 185 -23.76 21.70 21.39
C VAL D 185 -23.17 21.10 20.11
N LEU D 186 -24.04 20.83 19.15
CA LEU D 186 -23.62 20.24 17.87
C LEU D 186 -23.13 21.30 16.87
N TRP D 187 -23.92 22.34 16.70
CA TRP D 187 -23.58 23.41 15.76
C TRP D 187 -22.27 24.11 16.06
N THR D 188 -21.94 24.25 17.34
CA THR D 188 -20.70 24.92 17.76
C THR D 188 -19.47 24.06 17.43
N ALA D 189 -19.72 22.81 17.06
CA ALA D 189 -18.65 21.87 16.73
C ALA D 189 -18.04 22.10 15.35
N TYR D 190 -18.87 22.55 14.41
CA TYR D 190 -18.41 22.81 13.04
C TYR D 190 -17.33 23.91 13.00
N PRO D 191 -17.63 25.08 13.57
CA PRO D 191 -16.65 26.17 13.57
C PRO D 191 -15.28 25.74 14.10
N ILE D 192 -15.29 25.02 15.22
CA ILE D 192 -14.05 24.53 15.83
C ILE D 192 -13.41 23.47 14.93
N LEU D 193 -14.22 22.52 14.46
CA LEU D 193 -13.73 21.46 13.57
C LEU D 193 -13.12 22.06 12.31
N TRP D 194 -13.74 23.12 11.82
CA TRP D 194 -13.30 23.82 10.61
C TRP D 194 -11.84 24.29 10.75
N ILE D 195 -11.63 25.30 11.58
CA ILE D 195 -10.31 25.89 11.81
C ILE D 195 -9.20 24.92 12.21
N VAL D 196 -9.57 23.74 12.72
CA VAL D 196 -8.57 22.73 13.11
C VAL D 196 -8.32 21.72 11.98
N GLY D 197 -9.23 21.67 11.01
CA GLY D 197 -9.07 20.75 9.90
C GLY D 197 -8.32 21.32 8.71
N THR D 198 -8.54 20.74 7.55
CA THR D 198 -7.88 21.18 6.32
C THR D 198 -8.30 22.58 5.84
N GLU D 199 -9.19 23.21 6.59
CA GLU D 199 -9.63 24.56 6.23
C GLU D 199 -8.82 25.56 7.07
N GLY D 200 -8.25 25.06 8.16
CA GLY D 200 -7.47 25.91 9.04
C GLY D 200 -6.12 25.33 9.45
N ALA D 201 -5.88 25.29 10.76
CA ALA D 201 -4.63 24.78 11.32
C ALA D 201 -4.13 23.51 10.64
N GLY D 202 -5.05 22.57 10.44
CA GLY D 202 -4.68 21.32 9.82
C GLY D 202 -4.22 20.28 10.81
N VAL D 203 -4.75 20.33 12.03
CA VAL D 203 -4.37 19.35 13.04
C VAL D 203 -5.10 18.05 12.77
N VAL D 204 -6.29 18.18 12.19
CA VAL D 204 -7.12 17.01 11.85
C VAL D 204 -7.18 16.79 10.32
N GLY D 205 -6.80 15.59 9.90
CA GLY D 205 -6.81 15.25 8.49
C GLY D 205 -8.20 15.13 7.87
N LEU D 206 -8.25 15.05 6.55
CA LEU D 206 -9.50 14.94 5.82
C LEU D 206 -10.35 13.79 6.31
N GLY D 207 -9.69 12.63 6.47
CA GLY D 207 -10.38 11.43 6.92
C GLY D 207 -11.12 11.55 8.24
N ILE D 208 -10.41 11.97 9.29
CA ILE D 208 -11.04 12.15 10.59
C ILE D 208 -12.03 13.30 10.48
N GLU D 209 -11.67 14.30 9.68
CA GLU D 209 -12.51 15.47 9.47
C GLU D 209 -13.86 15.04 8.90
N THR D 210 -13.81 14.34 7.77
CA THR D 210 -15.01 13.85 7.10
C THR D 210 -15.81 13.00 8.09
N LEU D 211 -15.08 12.23 8.89
CA LEU D 211 -15.67 11.35 9.89
C LEU D 211 -16.49 12.19 10.87
N ALA D 212 -15.89 13.28 11.35
CA ALA D 212 -16.55 14.18 12.29
C ALA D 212 -17.80 14.81 11.68
N PHE D 213 -17.67 15.39 10.49
CA PHE D 213 -18.82 16.01 9.84
C PHE D 213 -19.91 14.97 9.59
N MET D 214 -19.52 13.73 9.33
CA MET D 214 -20.49 12.67 9.10
C MET D 214 -21.30 12.47 10.37
N VAL D 215 -20.60 12.09 11.44
CA VAL D 215 -21.22 11.86 12.73
C VAL D 215 -22.04 13.08 13.20
N LEU D 216 -21.45 14.27 13.05
CA LEU D 216 -22.11 15.51 13.46
C LEU D 216 -23.42 15.76 12.74
N ASP D 217 -23.38 15.74 11.40
CA ASP D 217 -24.58 15.96 10.60
C ASP D 217 -25.65 14.93 10.89
N VAL D 218 -25.29 13.65 10.81
CA VAL D 218 -26.24 12.57 11.05
C VAL D 218 -26.91 12.70 12.42
N THR D 219 -26.21 13.32 13.36
CA THR D 219 -26.77 13.51 14.69
C THR D 219 -27.75 14.68 14.64
N ALA D 220 -27.31 15.77 14.02
CA ALA D 220 -28.13 16.97 13.89
C ALA D 220 -29.16 16.81 12.77
N LYS D 221 -29.31 15.59 12.27
CA LYS D 221 -30.26 15.34 11.21
C LYS D 221 -31.27 14.28 11.62
N VAL D 222 -30.96 13.02 11.35
CA VAL D 222 -31.85 11.93 11.71
C VAL D 222 -32.03 11.84 13.22
N GLY D 223 -30.91 11.84 13.94
CA GLY D 223 -30.98 11.78 15.39
C GLY D 223 -31.84 12.92 15.90
N PHE D 224 -31.82 14.03 15.17
CA PHE D 224 -32.59 15.21 15.52
C PHE D 224 -34.07 14.86 15.37
N GLY D 225 -34.39 14.23 14.24
CA GLY D 225 -35.76 13.85 13.96
C GLY D 225 -36.35 12.86 14.94
N PHE D 226 -35.53 11.96 15.46
CA PHE D 226 -36.00 10.96 16.40
C PHE D 226 -36.32 11.56 17.77
N VAL D 227 -36.29 12.88 17.83
CA VAL D 227 -36.59 13.61 19.06
C VAL D 227 -37.79 14.52 18.79
N LEU D 228 -37.64 15.34 17.76
CA LEU D 228 -38.68 16.28 17.35
C LEU D 228 -39.97 15.57 16.96
N LEU D 229 -39.85 14.58 16.07
CA LEU D 229 -41.00 13.82 15.59
C LEU D 229 -41.45 12.66 16.49
N ARG D 230 -40.51 12.01 17.17
CA ARG D 230 -40.84 10.89 18.04
C ARG D 230 -41.64 11.35 19.26
N SER D 231 -41.30 12.54 19.75
CA SER D 231 -41.95 13.13 20.91
C SER D 231 -43.44 13.40 20.72
N ARG D 232 -43.99 14.24 21.61
CA ARG D 232 -45.41 14.60 21.57
C ARG D 232 -45.56 16.12 21.61
N ALA D 233 -44.43 16.82 21.59
CA ALA D 233 -44.43 18.28 21.62
C ALA D 233 -44.97 18.83 20.31
N ILE D 234 -44.64 18.17 19.21
CA ILE D 234 -45.11 18.61 17.90
C ILE D 234 -46.58 18.24 17.79
N LEU D 235 -46.99 17.20 18.50
CA LEU D 235 -48.36 16.71 18.48
C LEU D 235 -49.27 17.63 19.29
N GLY D 236 -49.56 18.81 18.74
CA GLY D 236 -50.43 19.75 19.43
C GLY D 236 -49.71 20.53 20.51
N GLU D 237 -50.48 21.27 21.31
CA GLU D 237 -49.92 22.08 22.39
C GLU D 237 -50.24 21.44 23.74
N THR D 238 -51.52 21.14 23.94
CA THR D 238 -51.97 20.53 25.18
C THR D 238 -52.74 19.25 24.89
#